data_7PLC
#
_entry.id   7PLC
#
_cell.length_a   45.776
_cell.length_b   82.207
_cell.length_c   159.240
_cell.angle_alpha   90.000
_cell.angle_beta   97.686
_cell.angle_gamma   90.000
#
_symmetry.space_group_name_H-M   'P 1 21 1'
#
loop_
_entity.id
_entity.type
_entity.pdbx_description
1 polymer 'Smp-30/Cgr1 family protein'
2 non-polymer beta-D-xylopyranose
3 non-polymer alpha-D-xylopyranose
4 non-polymer 'FE (II) ION'
5 non-polymer 'SULFATE ION'
6 water water
#
_entity_poly.entity_id   1
_entity_poly.type   'polypeptide(L)'
_entity_poly.pdbx_seq_one_letter_code
;MATAQVTCVWDLKATLGEGPIWHGDTLWFVDIKQRKIHNYHPATGERFSFDAPDQVTFLAPIVGATGFVVGLKTGIHRFH
PATGFSLLLEVEDAALNNRPNDATVDAQGRLWFGTMHDGEENNSGSLYRMDLTGVARMDRDICITNGPCVSPDGKTFYHT
DTLEKTIYAFDLAEDGLLSNKRVFVQFALGDDVYPDGSVVDSEGYLWTALWGGFGAVRFSPQGDAVTRIELPAPNVTKPC
FGGPDLKTLYFTTARKGLSDETLAQYPLAGGVFAVPVDVAGQPQHEVRLV
;
_entity_poly.pdbx_strand_id   A,B,C,D
#
loop_
_chem_comp.id
_chem_comp.type
_chem_comp.name
_chem_comp.formula
FE2 non-polymer 'FE (II) ION' 'Fe 2'
SO4 non-polymer 'SULFATE ION' 'O4 S -2'
XYP D-saccharide, beta linking beta-D-xylopyranose 'C5 H10 O5'
XYS D-saccharide, alpha linking alpha-D-xylopyranose 'C5 H10 O5'
#
# COMPACT_ATOMS: atom_id res chain seq x y z
N GLN A 5 4.53 -10.49 -29.52
CA GLN A 5 3.60 -9.36 -29.39
C GLN A 5 3.80 -8.63 -28.06
N VAL A 6 3.70 -7.31 -28.12
CA VAL A 6 3.89 -6.44 -26.96
C VAL A 6 2.59 -6.36 -26.18
N THR A 7 2.70 -6.40 -24.85
CA THR A 7 1.53 -6.40 -23.98
C THR A 7 1.33 -5.03 -23.35
N CYS A 8 0.09 -4.54 -23.41
CA CYS A 8 -0.33 -3.32 -22.73
C CYS A 8 -0.77 -3.70 -21.31
N VAL A 9 0.00 -3.24 -20.32
CA VAL A 9 -0.31 -3.58 -18.93
C VAL A 9 -1.34 -2.66 -18.29
N TRP A 10 -1.62 -1.51 -18.91
CA TRP A 10 -2.58 -0.56 -18.36
C TRP A 10 -3.19 0.22 -19.52
N ASP A 11 -4.45 -0.09 -19.85
CA ASP A 11 -5.18 0.60 -20.92
C ASP A 11 -5.66 1.95 -20.40
N LEU A 12 -4.68 2.82 -20.12
CA LEU A 12 -4.96 4.09 -19.47
C LEU A 12 -5.57 5.11 -20.42
N LYS A 13 -5.22 5.04 -21.71
CA LYS A 13 -5.68 6.00 -22.71
C LYS A 13 -5.31 7.43 -22.30
N ALA A 14 -4.05 7.59 -21.88
CA ALA A 14 -3.56 8.91 -21.47
C ALA A 14 -3.41 9.83 -22.67
N THR A 15 -3.70 11.11 -22.44
CA THR A 15 -3.51 12.11 -23.50
C THR A 15 -2.03 12.27 -23.83
N LEU A 16 -1.18 12.44 -22.80
CA LEU A 16 0.26 12.59 -22.99
C LEU A 16 0.98 11.90 -21.82
N GLY A 17 1.03 10.57 -21.88
CA GLY A 17 1.80 9.82 -20.92
C GLY A 17 3.29 10.06 -21.12
N GLU A 18 4.00 10.38 -20.03
CA GLU A 18 5.39 10.79 -20.15
C GLU A 18 6.13 10.50 -18.84
N GLY A 19 7.45 10.70 -18.89
CA GLY A 19 8.32 10.62 -17.73
C GLY A 19 8.17 9.42 -16.82
N PRO A 20 8.25 8.20 -17.36
CA PRO A 20 8.21 7.01 -16.49
C PRO A 20 9.54 6.77 -15.82
N ILE A 21 9.47 6.39 -14.54
CA ILE A 21 10.62 5.99 -13.73
C ILE A 21 10.24 4.75 -12.95
N TRP A 22 11.26 3.98 -12.58
CA TRP A 22 11.11 2.79 -11.74
C TRP A 22 11.58 3.14 -10.35
N HIS A 23 10.65 3.26 -9.41
CA HIS A 23 10.95 3.70 -8.06
C HIS A 23 10.11 2.91 -7.06
N GLY A 24 10.73 2.49 -5.96
CA GLY A 24 10.02 1.72 -4.97
C GLY A 24 9.44 0.43 -5.50
N ASP A 25 10.12 -0.20 -6.46
CA ASP A 25 9.65 -1.41 -7.14
C ASP A 25 8.29 -1.22 -7.80
N THR A 26 7.94 0.02 -8.14
CA THR A 26 6.74 0.33 -8.90
C THR A 26 7.09 1.30 -10.01
N LEU A 27 6.16 1.48 -10.95
CA LEU A 27 6.34 2.38 -12.06
C LEU A 27 5.59 3.67 -11.80
N TRP A 28 6.30 4.79 -11.81
CA TRP A 28 5.67 6.10 -11.67
C TRP A 28 5.79 6.84 -12.99
N PHE A 29 4.75 7.55 -13.38
CA PHE A 29 4.80 8.33 -14.60
C PHE A 29 3.73 9.41 -14.52
N VAL A 30 3.59 10.20 -15.59
CA VAL A 30 2.68 11.33 -15.58
C VAL A 30 1.83 11.31 -16.85
N ASP A 31 0.69 11.97 -16.76
CA ASP A 31 -0.09 12.42 -17.91
C ASP A 31 -0.04 13.95 -17.87
N ILE A 32 0.75 14.52 -18.78
CA ILE A 32 1.02 15.96 -18.76
C ILE A 32 -0.26 16.74 -18.98
N LYS A 33 -1.01 16.40 -20.03
CA LYS A 33 -2.15 17.22 -20.42
C LYS A 33 -3.37 16.96 -19.55
N GLN A 34 -3.48 15.77 -18.95
CA GLN A 34 -4.55 15.51 -17.98
C GLN A 34 -4.15 15.88 -16.56
N ARG A 35 -2.92 16.37 -16.35
CA ARG A 35 -2.45 16.83 -15.05
C ARG A 35 -2.55 15.72 -14.01
N LYS A 36 -1.95 14.57 -14.32
CA LYS A 36 -2.05 13.41 -13.44
C LYS A 36 -0.69 12.81 -13.18
N ILE A 37 -0.49 12.32 -11.97
CA ILE A 37 0.66 11.48 -11.63
C ILE A 37 0.12 10.08 -11.37
N HIS A 38 0.64 9.10 -12.10
CA HIS A 38 0.17 7.73 -12.03
C HIS A 38 1.26 6.83 -11.43
N ASN A 39 0.81 5.76 -10.77
CA ASN A 39 1.66 4.79 -10.11
C ASN A 39 1.07 3.40 -10.36
N TYR A 40 1.89 2.48 -10.85
CA TYR A 40 1.45 1.16 -11.27
C TYR A 40 2.32 0.09 -10.60
N HIS A 41 1.64 -0.90 -10.01
CA HIS A 41 2.29 -2.00 -9.30
C HIS A 41 2.22 -3.25 -10.17
N PRO A 42 3.30 -3.66 -10.82
CA PRO A 42 3.22 -4.80 -11.76
C PRO A 42 2.85 -6.12 -11.10
N ALA A 43 3.23 -6.32 -9.83
CA ALA A 43 2.99 -7.61 -9.20
C ALA A 43 1.51 -7.86 -8.93
N THR A 44 0.72 -6.80 -8.76
CA THR A 44 -0.70 -6.93 -8.46
C THR A 44 -1.59 -6.23 -9.47
N GLY A 45 -1.04 -5.42 -10.37
CA GLY A 45 -1.87 -4.67 -11.30
C GLY A 45 -2.62 -3.52 -10.69
N GLU A 46 -2.34 -3.18 -9.43
CA GLU A 46 -3.01 -2.05 -8.79
C GLU A 46 -2.46 -0.74 -9.33
N ARG A 47 -3.35 0.25 -9.43
CA ARG A 47 -3.04 1.54 -10.01
C ARG A 47 -3.53 2.66 -9.10
N PHE A 48 -2.73 3.73 -9.00
CA PHE A 48 -3.06 4.90 -8.19
C PHE A 48 -2.79 6.15 -9.00
N SER A 49 -3.60 7.18 -8.76
CA SER A 49 -3.50 8.43 -9.50
C SER A 49 -3.69 9.62 -8.57
N PHE A 50 -2.91 10.67 -8.81
CA PHE A 50 -2.96 11.90 -8.05
C PHE A 50 -3.16 13.06 -9.02
N ASP A 51 -4.01 14.00 -8.63
CA ASP A 51 -4.31 15.17 -9.46
C ASP A 51 -3.26 16.27 -9.22
N ALA A 52 -2.85 16.93 -10.30
CA ALA A 52 -1.90 18.01 -10.21
C ALA A 52 -2.56 19.34 -10.53
N PRO A 53 -2.15 20.43 -9.88
CA PRO A 53 -2.78 21.74 -10.14
C PRO A 53 -2.45 22.32 -11.50
N ASP A 54 -1.45 21.77 -12.21
CA ASP A 54 -1.10 22.21 -13.55
C ASP A 54 -0.48 21.03 -14.27
N GLN A 55 -0.06 21.25 -15.50
CA GLN A 55 0.63 20.19 -16.25
C GLN A 55 1.86 19.74 -15.47
N VAL A 56 1.96 18.44 -15.22
CA VAL A 56 3.10 17.85 -14.52
C VAL A 56 3.85 17.01 -15.55
N THR A 57 5.16 17.24 -15.64
CA THR A 57 5.94 16.76 -16.79
C THR A 57 7.02 15.75 -16.45
N PHE A 58 7.55 15.76 -15.23
CA PHE A 58 8.55 14.77 -14.86
C PHE A 58 8.49 14.51 -13.37
N LEU A 59 9.08 13.39 -12.97
CA LEU A 59 9.18 12.98 -11.58
C LEU A 59 10.60 12.51 -11.32
N ALA A 60 11.17 12.94 -10.20
CA ALA A 60 12.48 12.44 -9.82
C ALA A 60 12.51 12.28 -8.30
N PRO A 61 12.75 11.09 -7.78
CA PRO A 61 12.69 10.92 -6.32
C PRO A 61 13.87 11.57 -5.63
N ILE A 62 13.61 12.09 -4.43
CA ILE A 62 14.61 12.74 -3.60
C ILE A 62 15.06 11.75 -2.56
N VAL A 63 16.35 11.78 -2.21
CA VAL A 63 16.87 10.83 -1.24
CA VAL A 63 16.90 10.85 -1.22
C VAL A 63 16.11 10.96 0.08
N GLY A 64 15.88 9.82 0.73
CA GLY A 64 15.18 9.81 2.00
C GLY A 64 13.68 9.82 1.90
N ALA A 65 13.12 9.55 0.72
CA ALA A 65 11.66 9.51 0.51
C ALA A 65 11.00 10.79 1.01
N THR A 66 11.66 11.92 0.75
CA THR A 66 11.11 13.23 1.09
C THR A 66 10.26 13.82 -0.03
N GLY A 67 9.76 12.98 -0.93
CA GLY A 67 8.95 13.43 -2.05
C GLY A 67 9.71 13.34 -3.36
N PHE A 68 9.08 13.89 -4.40
CA PHE A 68 9.64 13.94 -5.74
C PHE A 68 9.87 15.39 -6.11
N VAL A 69 10.89 15.62 -6.92
CA VAL A 69 11.03 16.87 -7.67
C VAL A 69 10.23 16.69 -8.94
N VAL A 70 9.24 17.56 -9.14
CA VAL A 70 8.33 17.47 -10.26
C VAL A 70 8.36 18.79 -11.02
N GLY A 71 8.04 18.73 -12.31
CA GLY A 71 7.98 19.92 -13.11
C GLY A 71 6.56 20.34 -13.45
N LEU A 72 6.07 21.38 -12.79
CA LEU A 72 4.81 22.00 -13.18
CA LEU A 72 4.81 22.01 -13.16
C LEU A 72 5.07 23.17 -14.12
N LYS A 73 4.05 23.52 -14.91
CA LYS A 73 4.20 24.65 -15.81
C LYS A 73 4.56 25.92 -15.05
N THR A 74 4.18 25.99 -13.77
CA THR A 74 4.43 27.14 -12.93
C THR A 74 5.81 27.10 -12.25
N GLY A 75 6.55 26.02 -12.38
CA GLY A 75 7.88 25.94 -11.82
C GLY A 75 8.21 24.55 -11.33
N ILE A 76 9.40 24.43 -10.77
CA ILE A 76 9.87 23.17 -10.18
C ILE A 76 9.33 23.09 -8.77
N HIS A 77 8.58 22.02 -8.47
CA HIS A 77 7.93 21.82 -7.19
C HIS A 77 8.40 20.53 -6.54
N ARG A 78 8.14 20.44 -5.24
CA ARG A 78 8.19 19.18 -4.53
C ARG A 78 6.78 18.62 -4.44
N PHE A 79 6.65 17.31 -4.67
CA PHE A 79 5.37 16.63 -4.55
C PHE A 79 5.52 15.49 -3.55
N HIS A 80 4.64 15.47 -2.56
CA HIS A 80 4.54 14.36 -1.64
C HIS A 80 3.05 14.08 -1.50
N PRO A 81 2.64 12.81 -1.60
CA PRO A 81 1.20 12.50 -1.51
C PRO A 81 0.53 13.06 -0.27
N ALA A 82 1.26 13.25 0.83
CA ALA A 82 0.66 13.70 2.07
C ALA A 82 0.80 15.20 2.29
N THR A 83 1.41 15.93 1.35
CA THR A 83 1.48 17.40 1.45
C THR A 83 1.17 18.11 0.15
N GLY A 84 1.00 17.38 -0.97
CA GLY A 84 0.70 18.05 -2.22
C GLY A 84 1.95 18.63 -2.86
N PHE A 85 1.76 19.73 -3.57
CA PHE A 85 2.83 20.38 -4.34
C PHE A 85 3.21 21.68 -3.65
N SER A 86 4.52 21.90 -3.51
CA SER A 86 5.05 23.13 -2.92
C SER A 86 6.18 23.63 -3.79
N LEU A 87 6.15 24.91 -4.11
CA LEU A 87 7.10 25.48 -5.06
C LEU A 87 8.52 25.42 -4.53
N LEU A 88 9.42 24.83 -5.32
CA LEU A 88 10.83 24.84 -4.99
C LEU A 88 11.55 26.00 -5.66
N LEU A 89 11.26 26.24 -6.94
CA LEU A 89 11.91 27.36 -7.61
C LEU A 89 11.26 27.61 -8.96
N GLU A 90 11.07 28.88 -9.30
CA GLU A 90 10.77 29.26 -10.66
C GLU A 90 12.07 29.35 -11.43
N VAL A 91 12.07 28.85 -12.66
CA VAL A 91 13.28 28.77 -13.45
C VAL A 91 13.24 29.71 -14.66
N GLU A 92 12.06 30.04 -15.16
CA GLU A 92 11.93 30.87 -16.35
C GLU A 92 10.75 31.81 -16.14
N ASP A 93 10.73 32.88 -16.93
CA ASP A 93 9.63 33.83 -16.85
C ASP A 93 8.37 33.21 -17.42
N ALA A 94 7.25 33.43 -16.73
CA ALA A 94 5.98 32.87 -17.18
C ALA A 94 5.54 33.46 -18.51
N ALA A 95 6.05 34.64 -18.86
CA ALA A 95 5.67 35.28 -20.11
C ALA A 95 6.15 34.49 -21.32
N LEU A 96 7.21 33.69 -21.16
CA LEU A 96 7.68 32.87 -22.27
C LEU A 96 6.65 31.83 -22.69
N ASN A 97 5.65 31.56 -21.84
CA ASN A 97 4.72 30.45 -22.05
C ASN A 97 5.48 29.14 -22.22
N ASN A 98 6.52 28.97 -21.41
CA ASN A 98 7.29 27.74 -21.38
C ASN A 98 6.73 26.79 -20.33
N ARG A 99 7.18 25.54 -20.40
CA ARG A 99 6.88 24.54 -19.39
C ARG A 99 8.02 23.55 -19.36
N PRO A 100 8.30 22.92 -18.22
CA PRO A 100 9.29 21.85 -18.19
C PRO A 100 8.85 20.67 -19.06
N ASN A 101 9.76 19.72 -19.25
CA ASN A 101 9.44 18.51 -20.00
C ASN A 101 10.09 17.29 -19.36
N ASP A 102 11.09 16.73 -20.03
CA ASP A 102 11.73 15.50 -19.60
C ASP A 102 12.83 15.76 -18.59
N ALA A 103 13.23 14.70 -17.89
CA ALA A 103 14.26 14.82 -16.86
C ALA A 103 14.92 13.46 -16.64
N THR A 104 16.05 13.51 -15.94
CA THR A 104 16.80 12.33 -15.51
C THR A 104 17.63 12.72 -14.30
N VAL A 105 18.11 11.70 -13.59
CA VAL A 105 18.98 11.88 -12.42
C VAL A 105 20.24 11.07 -12.65
N ASP A 106 21.39 11.73 -12.58
CA ASP A 106 22.66 11.04 -12.83
C ASP A 106 23.15 10.33 -11.57
N ALA A 107 24.30 9.65 -11.70
CA ALA A 107 24.84 8.86 -10.61
C ALA A 107 25.30 9.70 -9.43
N GLN A 108 25.45 11.01 -9.59
CA GLN A 108 25.85 11.89 -8.50
C GLN A 108 24.67 12.58 -7.85
N GLY A 109 23.45 12.18 -8.19
CA GLY A 109 22.25 12.79 -7.63
C GLY A 109 21.83 14.10 -8.26
N ARG A 110 22.41 14.48 -9.38
CA ARG A 110 22.00 15.72 -10.05
C ARG A 110 20.76 15.48 -10.89
N LEU A 111 19.88 16.47 -10.91
CA LEU A 111 18.65 16.43 -11.71
C LEU A 111 18.88 17.24 -12.99
N TRP A 112 18.91 16.57 -14.13
CA TRP A 112 18.95 17.23 -15.43
C TRP A 112 17.54 17.26 -15.98
N PHE A 113 17.03 18.47 -16.26
CA PHE A 113 15.68 18.58 -16.79
C PHE A 113 15.63 19.67 -17.85
N GLY A 114 14.69 19.51 -18.78
CA GLY A 114 14.57 20.48 -19.85
C GLY A 114 13.30 21.31 -19.78
N THR A 115 13.28 22.42 -20.50
CA THR A 115 12.08 23.21 -20.69
C THR A 115 11.77 23.28 -22.18
N MET A 116 10.59 23.79 -22.49
CA MET A 116 10.13 23.84 -23.88
C MET A 116 9.06 24.91 -23.98
N HIS A 117 8.87 25.40 -25.20
CA HIS A 117 7.73 26.27 -25.47
C HIS A 117 6.45 25.44 -25.41
N ASP A 118 5.54 25.81 -24.51
CA ASP A 118 4.28 25.07 -24.39
C ASP A 118 3.49 25.10 -25.69
N GLY A 119 3.64 26.17 -26.47
CA GLY A 119 3.02 26.21 -27.79
C GLY A 119 3.76 25.44 -28.85
N GLU A 120 4.98 24.97 -28.55
CA GLU A 120 5.78 24.14 -29.46
C GLU A 120 6.09 24.87 -30.76
N GLU A 121 6.48 26.15 -30.65
CA GLU A 121 6.81 26.96 -31.82
C GLU A 121 8.09 27.77 -31.62
N ASN A 122 8.27 28.35 -30.44
CA ASN A 122 9.43 29.18 -30.16
C ASN A 122 10.60 28.35 -29.64
N ASN A 123 11.81 28.77 -30.00
CA ASN A 123 13.03 28.12 -29.51
C ASN A 123 13.44 28.74 -28.16
N SER A 124 12.55 28.61 -27.19
CA SER A 124 12.73 29.26 -25.89
C SER A 124 13.06 28.28 -24.77
N GLY A 125 13.17 26.99 -25.07
CA GLY A 125 13.49 26.00 -24.05
C GLY A 125 14.98 25.82 -23.83
N SER A 126 15.30 25.31 -22.64
CA SER A 126 16.69 25.18 -22.20
C SER A 126 16.87 23.86 -21.45
N LEU A 127 18.14 23.51 -21.21
CA LEU A 127 18.52 22.37 -20.39
C LEU A 127 19.13 22.88 -19.08
N TYR A 128 18.69 22.30 -17.97
CA TYR A 128 19.10 22.73 -16.64
C TYR A 128 19.65 21.56 -15.84
N ARG A 129 20.63 21.87 -14.98
CA ARG A 129 21.21 20.92 -14.04
C ARG A 129 21.00 21.47 -12.64
N MET A 130 20.25 20.73 -11.82
CA MET A 130 19.88 21.10 -10.47
C MET A 130 20.60 20.17 -9.50
N ASP A 131 21.46 20.74 -8.66
CA ASP A 131 22.21 19.96 -7.68
C ASP A 131 22.36 20.81 -6.42
N LEU A 132 23.31 20.40 -5.57
CA LEU A 132 23.51 21.08 -4.30
C LEU A 132 23.96 22.52 -4.49
N THR A 133 24.69 22.80 -5.57
CA THR A 133 25.13 24.16 -5.86
C THR A 133 24.03 25.01 -6.47
N GLY A 134 22.88 24.44 -6.80
CA GLY A 134 21.82 25.21 -7.41
C GLY A 134 21.43 24.74 -8.79
N VAL A 135 20.84 25.64 -9.59
CA VAL A 135 20.37 25.32 -10.94
C VAL A 135 21.23 26.08 -11.94
N ALA A 136 21.83 25.36 -12.87
CA ALA A 136 22.67 25.92 -13.92
C ALA A 136 22.07 25.63 -15.28
N ARG A 137 22.10 26.62 -16.16
CA ARG A 137 21.57 26.49 -17.52
C ARG A 137 22.67 25.90 -18.41
N MET A 138 22.45 24.69 -18.92
CA MET A 138 23.49 23.96 -19.65
C MET A 138 23.35 24.07 -21.17
N ASP A 139 22.16 24.30 -21.68
CA ASP A 139 21.94 24.53 -23.10
C ASP A 139 20.70 25.39 -23.25
N ARG A 140 20.51 25.95 -24.45
CA ARG A 140 19.43 26.91 -24.65
C ARG A 140 19.02 26.91 -26.11
N ASP A 141 17.92 27.62 -26.37
CA ASP A 141 17.40 27.85 -27.73
C ASP A 141 16.93 26.53 -28.38
N ILE A 142 16.21 25.72 -27.61
CA ILE A 142 15.65 24.46 -28.11
C ILE A 142 14.14 24.53 -27.90
N CYS A 143 13.38 24.32 -28.99
CA CYS A 143 11.93 24.43 -28.89
C CYS A 143 11.35 23.36 -27.98
N ILE A 144 11.69 22.10 -28.24
CA ILE A 144 11.22 20.97 -27.44
C ILE A 144 12.44 20.16 -27.04
N THR A 145 12.85 20.28 -25.79
CA THR A 145 13.88 19.41 -25.26
C THR A 145 13.29 18.05 -24.92
N ASN A 146 14.16 17.04 -24.82
CA ASN A 146 13.69 15.69 -24.56
C ASN A 146 14.86 14.81 -24.18
N GLY A 147 14.54 13.74 -23.45
CA GLY A 147 15.44 12.63 -23.20
C GLY A 147 16.85 12.96 -22.76
N PRO A 148 17.01 13.63 -21.63
CA PRO A 148 18.35 13.70 -21.02
C PRO A 148 18.67 12.38 -20.36
N CYS A 149 19.91 11.92 -20.55
CA CYS A 149 20.35 10.66 -19.95
C CYS A 149 21.87 10.60 -19.99
N VAL A 150 22.43 9.77 -19.12
CA VAL A 150 23.88 9.60 -19.00
C VAL A 150 24.23 8.14 -19.20
N SER A 151 25.44 7.90 -19.70
CA SER A 151 25.91 6.54 -19.89
C SER A 151 26.25 5.91 -18.54
N PRO A 152 26.25 4.58 -18.45
CA PRO A 152 26.58 3.93 -17.17
C PRO A 152 27.96 4.31 -16.64
N ASP A 153 28.91 4.65 -17.51
CA ASP A 153 30.22 5.09 -17.03
C ASP A 153 30.24 6.57 -16.67
N GLY A 154 29.15 7.30 -16.90
CA GLY A 154 29.05 8.69 -16.53
C GLY A 154 29.83 9.68 -17.37
N LYS A 155 30.47 9.23 -18.45
CA LYS A 155 31.31 10.10 -19.27
C LYS A 155 30.57 10.70 -20.45
N THR A 156 29.40 10.18 -20.81
CA THR A 156 28.66 10.66 -21.97
C THR A 156 27.26 11.07 -21.55
N PHE A 157 26.78 12.19 -22.10
CA PHE A 157 25.45 12.72 -21.84
C PHE A 157 24.70 12.89 -23.14
N TYR A 158 23.43 12.52 -23.17
CA TYR A 158 22.64 12.61 -24.40
C TYR A 158 21.48 13.57 -24.21
N HIS A 159 21.14 14.31 -25.27
CA HIS A 159 20.03 15.25 -25.20
C HIS A 159 19.38 15.38 -26.58
N THR A 160 18.08 15.61 -26.60
CA THR A 160 17.32 15.54 -27.84
C THR A 160 16.65 16.88 -28.16
N ASP A 161 16.85 17.35 -29.40
CA ASP A 161 16.04 18.40 -30.01
C ASP A 161 15.01 17.67 -30.85
N THR A 162 13.77 17.63 -30.36
CA THR A 162 12.73 16.80 -30.95
C THR A 162 12.32 17.32 -32.33
N LEU A 163 12.00 18.61 -32.43
CA LEU A 163 11.52 19.16 -33.69
C LEU A 163 12.62 19.19 -34.75
N GLU A 164 13.88 19.29 -34.33
CA GLU A 164 14.99 19.17 -35.25
C GLU A 164 15.36 17.70 -35.52
N LYS A 165 14.69 16.77 -34.85
CA LYS A 165 14.91 15.33 -35.06
C LYS A 165 16.36 14.94 -34.80
N THR A 166 16.98 15.55 -33.79
CA THR A 166 18.40 15.34 -33.55
C THR A 166 18.65 14.92 -32.11
N ILE A 167 19.54 13.95 -31.93
CA ILE A 167 20.06 13.57 -30.62
C ILE A 167 21.53 13.90 -30.60
N TYR A 168 21.93 14.74 -29.65
CA TYR A 168 23.31 15.17 -29.44
C TYR A 168 23.94 14.39 -28.30
N ALA A 169 25.26 14.23 -28.39
CA ALA A 169 26.08 13.65 -27.34
C ALA A 169 27.09 14.68 -26.85
N PHE A 170 27.29 14.70 -25.54
CA PHE A 170 28.26 15.57 -24.87
C PHE A 170 29.22 14.72 -24.05
N ASP A 171 30.41 15.25 -23.84
CA ASP A 171 31.32 14.73 -22.83
C ASP A 171 30.93 15.28 -21.46
N LEU A 172 30.72 14.39 -20.50
CA LEU A 172 30.32 14.76 -19.15
C LEU A 172 31.47 14.51 -18.20
N ALA A 173 31.97 15.57 -17.58
CA ALA A 173 33.04 15.46 -16.60
C ALA A 173 32.45 15.23 -15.21
N GLU A 174 33.30 14.71 -14.31
CA GLU A 174 32.86 14.41 -12.95
C GLU A 174 32.36 15.66 -12.22
N ASP A 175 32.97 16.81 -12.48
CA ASP A 175 32.49 18.06 -11.90
C ASP A 175 31.09 18.43 -12.40
N GLY A 176 30.61 17.83 -13.48
CA GLY A 176 29.27 18.06 -13.95
C GLY A 176 29.09 18.97 -15.15
N LEU A 177 30.16 19.32 -15.85
CA LEU A 177 30.09 20.19 -17.01
C LEU A 177 30.05 19.39 -18.31
N LEU A 178 29.37 19.95 -19.30
CA LEU A 178 29.25 19.37 -20.62
C LEU A 178 30.24 20.02 -21.59
N SER A 179 30.78 19.21 -22.50
CA SER A 179 31.72 19.69 -23.49
C SER A 179 31.66 18.79 -24.71
N ASN A 180 32.25 19.28 -25.80
CA ASN A 180 32.35 18.53 -27.06
C ASN A 180 30.99 18.05 -27.54
N LYS A 181 30.09 19.02 -27.72
CA LYS A 181 28.76 18.72 -28.26
C LYS A 181 28.85 18.32 -29.73
N ARG A 182 28.18 17.22 -30.08
CA ARG A 182 28.16 16.74 -31.45
C ARG A 182 26.86 15.99 -31.69
N VAL A 183 26.50 15.87 -32.97
CA VAL A 183 25.29 15.13 -33.34
C VAL A 183 25.55 13.64 -33.14
N PHE A 184 24.73 13.00 -32.31
CA PHE A 184 24.80 11.56 -32.11
C PHE A 184 23.98 10.81 -33.16
N VAL A 185 22.71 11.15 -33.32
CA VAL A 185 21.85 10.50 -34.30
C VAL A 185 20.89 11.53 -34.90
N GLN A 186 20.75 11.51 -36.22
CA GLN A 186 19.77 12.34 -36.92
C GLN A 186 18.76 11.49 -37.66
N PHE A 187 17.47 11.72 -37.39
CA PHE A 187 16.40 10.98 -38.04
C PHE A 187 16.04 11.72 -39.33
N ALA A 188 16.20 11.05 -40.48
CA ALA A 188 15.87 11.63 -41.77
C ALA A 188 14.58 11.09 -42.39
N LEU A 189 14.34 9.78 -42.30
CA LEU A 189 13.23 9.15 -43.00
C LEU A 189 12.02 9.08 -42.08
N GLY A 190 10.95 9.76 -42.47
CA GLY A 190 9.77 9.84 -41.64
C GLY A 190 9.36 11.28 -41.39
N ASP A 191 8.39 11.77 -42.17
CA ASP A 191 7.99 13.17 -42.06
C ASP A 191 7.41 13.46 -40.68
N ASP A 192 6.64 12.53 -40.13
CA ASP A 192 6.01 12.73 -38.83
C ASP A 192 6.61 11.83 -37.75
N VAL A 193 7.86 11.42 -37.92
CA VAL A 193 8.58 10.64 -36.93
C VAL A 193 9.56 11.56 -36.22
N TYR A 194 9.37 11.75 -34.92
CA TYR A 194 10.23 12.61 -34.12
C TYR A 194 10.77 11.82 -32.95
N PRO A 195 12.04 12.05 -32.57
CA PRO A 195 12.55 11.42 -31.36
C PRO A 195 11.98 12.10 -30.13
N ASP A 196 11.43 11.31 -29.21
CA ASP A 196 10.91 11.85 -27.96
C ASP A 196 11.89 11.58 -26.83
N GLY A 197 11.49 10.75 -25.87
CA GLY A 197 12.34 10.46 -24.73
C GLY A 197 13.30 9.31 -24.97
N SER A 198 14.41 9.33 -24.23
CA SER A 198 15.46 8.33 -24.36
C SER A 198 15.99 7.96 -22.98
N VAL A 199 16.52 6.74 -22.88
CA VAL A 199 17.28 6.29 -21.71
C VAL A 199 18.49 5.52 -22.22
N VAL A 200 19.43 5.26 -21.32
CA VAL A 200 20.61 4.46 -21.63
C VAL A 200 20.60 3.23 -20.74
N ASP A 201 20.83 2.05 -21.33
CA ASP A 201 20.79 0.82 -20.57
C ASP A 201 22.15 0.53 -19.95
N SER A 202 22.26 -0.61 -19.27
CA SER A 202 23.48 -0.95 -18.54
C SER A 202 24.68 -1.14 -19.47
N GLU A 203 24.44 -1.42 -20.75
CA GLU A 203 25.52 -1.64 -21.70
C GLU A 203 25.94 -0.38 -22.43
N GLY A 204 25.30 0.76 -22.15
CA GLY A 204 25.60 2.00 -22.83
C GLY A 204 24.80 2.26 -24.08
N TYR A 205 23.82 1.43 -24.40
CA TYR A 205 22.98 1.60 -25.57
C TYR A 205 21.83 2.54 -25.27
N LEU A 206 21.45 3.34 -26.27
CA LEU A 206 20.41 4.34 -26.13
C LEU A 206 19.08 3.81 -26.66
N TRP A 207 18.06 3.79 -25.81
CA TRP A 207 16.70 3.46 -26.21
C TRP A 207 15.95 4.76 -26.42
N THR A 208 15.41 4.94 -27.62
CA THR A 208 14.71 6.16 -28.02
C THR A 208 13.30 5.82 -28.46
N ALA A 209 12.30 6.43 -27.82
CA ALA A 209 10.92 6.27 -28.25
C ALA A 209 10.62 7.25 -29.37
N LEU A 210 9.82 6.81 -30.34
CA LEU A 210 9.55 7.57 -31.55
C LEU A 210 8.14 8.14 -31.48
N TRP A 211 8.05 9.47 -31.53
CA TRP A 211 6.75 10.10 -31.72
C TRP A 211 6.31 9.90 -33.16
N GLY A 212 5.15 9.27 -33.34
CA GLY A 212 4.67 8.96 -34.68
C GLY A 212 5.39 7.81 -35.35
N GLY A 213 6.26 7.10 -34.63
CA GLY A 213 7.03 6.00 -35.20
C GLY A 213 6.64 4.63 -34.73
N PHE A 214 5.55 4.49 -33.95
CA PHE A 214 5.00 3.19 -33.58
C PHE A 214 6.00 2.31 -32.82
N GLY A 215 6.87 2.92 -32.02
CA GLY A 215 7.77 2.08 -31.25
C GLY A 215 9.00 2.84 -30.78
N ALA A 216 10.09 2.09 -30.67
CA ALA A 216 11.34 2.60 -30.12
C ALA A 216 12.50 1.89 -30.78
N VAL A 217 13.66 2.55 -30.77
CA VAL A 217 14.87 2.07 -31.41
C VAL A 217 15.99 1.99 -30.38
N ARG A 218 16.82 0.96 -30.50
CA ARG A 218 18.01 0.80 -29.67
C ARG A 218 19.24 1.11 -30.52
N PHE A 219 20.07 2.03 -30.03
CA PHE A 219 21.26 2.51 -30.72
C PHE A 219 22.51 2.10 -29.96
N SER A 220 23.50 1.62 -30.70
CA SER A 220 24.81 1.38 -30.13
C SER A 220 25.43 2.71 -29.71
N PRO A 221 26.43 2.68 -28.81
CA PRO A 221 27.13 3.93 -28.45
C PRO A 221 27.80 4.61 -29.65
N GLN A 222 27.96 3.91 -30.77
CA GLN A 222 28.48 4.50 -31.99
C GLN A 222 27.41 5.15 -32.85
N GLY A 223 26.14 5.02 -32.47
CA GLY A 223 25.05 5.64 -33.20
C GLY A 223 24.36 4.77 -34.23
N ASP A 224 24.54 3.47 -34.20
CA ASP A 224 23.91 2.56 -35.15
C ASP A 224 22.71 1.88 -34.49
N ALA A 225 21.58 1.87 -35.20
CA ALA A 225 20.39 1.18 -34.73
C ALA A 225 20.58 -0.32 -34.82
N VAL A 226 20.31 -1.02 -33.71
CA VAL A 226 20.50 -2.46 -33.64
C VAL A 226 19.19 -3.23 -33.39
N THR A 227 18.16 -2.59 -32.84
CA THR A 227 16.91 -3.26 -32.52
C THR A 227 15.78 -2.25 -32.62
N ARG A 228 14.61 -2.70 -33.06
CA ARG A 228 13.43 -1.85 -33.04
C ARG A 228 12.24 -2.61 -32.45
N ILE A 229 11.59 -2.02 -31.45
CA ILE A 229 10.38 -2.57 -30.85
C ILE A 229 9.20 -1.80 -31.40
N GLU A 230 8.18 -2.53 -31.86
CA GLU A 230 6.96 -1.94 -32.40
C GLU A 230 5.81 -2.11 -31.42
N LEU A 231 4.99 -1.07 -31.28
CA LEU A 231 3.84 -1.07 -30.39
C LEU A 231 2.58 -0.71 -31.17
N PRO A 232 1.41 -1.23 -30.76
CA PRO A 232 0.13 -0.83 -31.35
C PRO A 232 -0.34 0.55 -30.92
N ALA A 233 0.58 1.53 -31.00
CA ALA A 233 0.34 2.91 -30.59
C ALA A 233 1.24 3.82 -31.41
N PRO A 234 0.66 4.79 -32.14
CA PRO A 234 1.50 5.61 -33.04
C PRO A 234 2.55 6.44 -32.33
N ASN A 235 2.22 7.06 -31.20
CA ASN A 235 3.12 7.97 -30.49
C ASN A 235 3.61 7.30 -29.23
N VAL A 236 4.89 6.91 -29.21
CA VAL A 236 5.55 6.38 -28.02
C VAL A 236 6.46 7.46 -27.48
N THR A 237 6.34 7.74 -26.18
CA THR A 237 6.95 8.92 -25.57
C THR A 237 8.25 8.62 -24.83
N LYS A 238 8.31 7.53 -24.06
CA LYS A 238 9.53 7.28 -23.31
C LYS A 238 9.60 5.83 -22.88
N PRO A 239 10.79 5.21 -22.94
CA PRO A 239 11.00 3.91 -22.31
C PRO A 239 11.52 4.05 -20.88
N CYS A 240 11.34 2.97 -20.12
CA CYS A 240 11.79 2.93 -18.73
C CYS A 240 12.06 1.49 -18.33
N PHE A 241 13.28 1.20 -17.89
CA PHE A 241 13.61 -0.14 -17.44
C PHE A 241 13.13 -0.36 -16.02
N GLY A 242 12.37 -1.42 -15.80
CA GLY A 242 11.87 -1.80 -14.50
C GLY A 242 11.79 -3.30 -14.35
N GLY A 243 11.05 -3.76 -13.35
CA GLY A 243 10.95 -5.16 -13.04
C GLY A 243 12.05 -5.56 -12.07
N PRO A 244 11.99 -6.80 -11.57
CA PRO A 244 12.94 -7.19 -10.53
C PRO A 244 14.38 -7.21 -11.00
N ASP A 245 14.61 -7.42 -12.29
CA ASP A 245 15.96 -7.51 -12.84
C ASP A 245 16.30 -6.31 -13.74
N LEU A 246 15.43 -5.31 -13.80
CA LEU A 246 15.59 -4.16 -14.69
C LEU A 246 15.63 -4.59 -16.15
N LYS A 247 14.97 -5.71 -16.47
CA LYS A 247 14.89 -6.21 -17.83
C LYS A 247 13.48 -6.16 -18.40
N THR A 248 12.55 -5.48 -17.73
CA THR A 248 11.22 -5.24 -18.27
C THR A 248 11.16 -3.80 -18.75
N LEU A 249 11.12 -3.61 -20.07
CA LEU A 249 11.12 -2.29 -20.67
C LEU A 249 9.68 -1.82 -20.82
N TYR A 250 9.31 -0.81 -20.04
CA TYR A 250 8.01 -0.17 -20.13
C TYR A 250 8.08 1.00 -21.11
N PHE A 251 6.91 1.36 -21.63
CA PHE A 251 6.80 2.46 -22.58
C PHE A 251 5.54 3.23 -22.24
N THR A 252 5.67 4.56 -22.16
CA THR A 252 4.50 5.42 -22.12
C THR A 252 4.15 5.88 -23.52
N THR A 253 2.86 6.13 -23.74
CA THR A 253 2.37 6.55 -25.04
C THR A 253 1.39 7.70 -24.87
N ALA A 254 0.98 8.28 -26.00
CA ALA A 254 0.16 9.48 -26.01
C ALA A 254 -0.92 9.39 -27.07
N ARG A 255 -2.11 9.88 -26.74
CA ARG A 255 -3.19 10.06 -27.72
C ARG A 255 -3.20 11.45 -28.33
N LYS A 256 -2.43 12.38 -27.77
CA LYS A 256 -2.38 13.75 -28.27
C LYS A 256 -1.89 13.78 -29.71
N GLY A 257 -2.59 14.55 -30.55
CA GLY A 257 -2.21 14.72 -31.93
C GLY A 257 -2.69 13.66 -32.89
N LEU A 258 -3.41 12.64 -32.41
CA LEU A 258 -3.88 11.56 -33.27
C LEU A 258 -5.35 11.78 -33.63
N SER A 259 -5.68 11.55 -34.89
CA SER A 259 -7.06 11.73 -35.35
C SER A 259 -7.95 10.64 -34.76
N ASP A 260 -9.26 10.86 -34.89
CA ASP A 260 -10.22 9.90 -34.34
C ASP A 260 -10.15 8.55 -35.05
N GLU A 261 -9.86 8.55 -36.35
CA GLU A 261 -9.75 7.30 -37.08
C GLU A 261 -8.53 6.50 -36.63
N THR A 262 -7.40 7.19 -36.44
CA THR A 262 -6.19 6.52 -35.96
C THR A 262 -6.41 5.96 -34.56
N LEU A 263 -7.11 6.71 -33.70
CA LEU A 263 -7.38 6.21 -32.35
C LEU A 263 -8.37 5.04 -32.37
N ALA A 264 -9.32 5.06 -33.30
CA ALA A 264 -10.21 3.91 -33.44
C ALA A 264 -9.46 2.67 -33.92
N GLN A 265 -8.44 2.85 -34.77
CA GLN A 265 -7.66 1.71 -35.19
C GLN A 265 -6.66 1.26 -34.14
N TYR A 266 -6.19 2.18 -33.30
CA TYR A 266 -5.25 1.87 -32.22
C TYR A 266 -5.85 2.33 -30.90
N PRO A 267 -6.86 1.62 -30.39
CA PRO A 267 -7.55 2.07 -29.17
C PRO A 267 -6.68 2.03 -27.93
N LEU A 268 -5.59 1.25 -27.93
CA LEU A 268 -4.69 1.18 -26.80
C LEU A 268 -3.73 2.36 -26.72
N ALA A 269 -3.78 3.28 -27.68
CA ALA A 269 -2.91 4.46 -27.63
C ALA A 269 -3.12 5.22 -26.33
N GLY A 270 -2.03 5.72 -25.77
CA GLY A 270 -2.08 6.34 -24.46
C GLY A 270 -1.92 5.38 -23.30
N GLY A 271 -1.77 4.08 -23.57
CA GLY A 271 -1.59 3.10 -22.51
C GLY A 271 -0.11 2.89 -22.20
N VAL A 272 0.13 2.08 -21.17
CA VAL A 272 1.48 1.70 -20.76
C VAL A 272 1.76 0.29 -21.27
N PHE A 273 2.89 0.13 -21.95
CA PHE A 273 3.25 -1.15 -22.55
C PHE A 273 4.50 -1.70 -21.89
N ALA A 274 4.68 -3.01 -21.98
CA ALA A 274 5.83 -3.67 -21.37
C ALA A 274 6.35 -4.77 -22.28
N VAL A 275 7.67 -4.89 -22.36
CA VAL A 275 8.33 -5.91 -23.17
C VAL A 275 9.56 -6.44 -22.44
N PRO A 276 9.78 -7.75 -22.37
CA PRO A 276 11.04 -8.25 -21.83
C PRO A 276 12.18 -8.08 -22.82
N VAL A 277 13.33 -7.64 -22.33
CA VAL A 277 14.51 -7.43 -23.15
C VAL A 277 15.68 -8.22 -22.55
N ASP A 278 16.75 -8.35 -23.34
CA ASP A 278 17.90 -9.14 -22.97
C ASP A 278 18.93 -8.38 -22.14
N VAL A 279 19.03 -7.06 -22.31
CA VAL A 279 19.99 -6.24 -21.59
C VAL A 279 19.26 -5.45 -20.52
N ALA A 280 19.76 -5.49 -19.29
CA ALA A 280 19.16 -4.74 -18.20
C ALA A 280 19.45 -3.24 -18.35
N GLY A 281 18.58 -2.45 -17.74
CA GLY A 281 18.74 -1.01 -17.72
C GLY A 281 19.59 -0.54 -16.56
N GLN A 282 19.60 0.78 -16.37
CA GLN A 282 20.34 1.38 -15.26
C GLN A 282 19.40 1.58 -14.08
N PRO A 283 19.90 1.41 -12.85
CA PRO A 283 19.07 1.69 -11.68
C PRO A 283 18.72 3.17 -11.60
N GLN A 284 17.53 3.44 -11.06
CA GLN A 284 17.08 4.82 -10.92
C GLN A 284 17.84 5.49 -9.79
N HIS A 285 18.31 6.71 -10.05
CA HIS A 285 19.01 7.51 -9.05
C HIS A 285 18.05 8.51 -8.41
N GLU A 286 18.43 8.97 -7.22
CA GLU A 286 17.61 9.89 -6.46
C GLU A 286 18.30 11.24 -6.34
N VAL A 287 17.50 12.30 -6.33
CA VAL A 287 18.02 13.66 -6.32
C VAL A 287 18.62 13.99 -4.96
N ARG A 288 19.84 14.54 -4.97
CA ARG A 288 20.49 14.99 -3.74
C ARG A 288 20.15 16.46 -3.52
N LEU A 289 19.33 16.72 -2.49
CA LEU A 289 19.01 18.08 -2.09
C LEU A 289 19.72 18.51 -0.81
N VAL A 290 20.42 17.59 -0.15
CA VAL A 290 21.13 17.91 1.09
C VAL A 290 22.52 17.26 1.07
N GLN B 5 8.82 35.75 -2.20
CA GLN B 5 7.83 35.40 -1.21
C GLN B 5 8.45 35.28 0.17
N VAL B 6 9.31 34.27 0.36
CA VAL B 6 9.98 34.06 1.63
C VAL B 6 11.25 34.90 1.67
N THR B 7 11.39 35.70 2.73
CA THR B 7 12.55 36.55 2.92
C THR B 7 13.31 36.13 4.17
N CYS B 8 14.63 36.11 4.11
CA CYS B 8 15.44 35.93 5.31
C CYS B 8 15.63 37.29 5.95
N VAL B 9 14.98 37.51 7.10
CA VAL B 9 15.03 38.80 7.76
C VAL B 9 16.23 38.97 8.68
N TRP B 10 16.90 37.88 9.05
CA TRP B 10 18.07 37.98 9.94
C TRP B 10 18.97 36.78 9.64
N ASP B 11 20.07 37.02 8.94
CA ASP B 11 21.06 35.99 8.63
C ASP B 11 21.92 35.73 9.87
N LEU B 12 21.26 35.19 10.90
CA LEU B 12 21.89 35.03 12.20
C LEU B 12 22.84 33.84 12.25
N LYS B 13 22.56 32.80 11.45
CA LYS B 13 23.34 31.55 11.47
C LYS B 13 23.36 30.94 12.87
N ALA B 14 22.18 30.87 13.48
CA ALA B 14 22.04 30.29 14.81
C ALA B 14 22.26 28.79 14.77
N THR B 15 22.89 28.27 15.83
CA THR B 15 23.05 26.82 15.94
C THR B 15 21.69 26.13 16.11
N LEU B 16 20.86 26.65 17.03
CA LEU B 16 19.53 26.10 17.29
C LEU B 16 18.59 27.27 17.61
N GLY B 17 18.17 27.98 16.57
CA GLY B 17 17.16 29.02 16.76
C GLY B 17 15.83 28.38 17.12
N GLU B 18 15.22 28.88 18.19
CA GLU B 18 14.05 28.21 18.75
C GLU B 18 13.19 29.22 19.51
N GLY B 19 12.02 28.75 19.93
CA GLY B 19 11.10 29.48 20.78
C GLY B 19 10.80 30.92 20.43
N PRO B 20 10.37 31.19 19.18
CA PRO B 20 9.99 32.57 18.84
C PRO B 20 8.61 32.91 19.36
N ILE B 21 8.48 34.14 19.86
CA ILE B 21 7.23 34.74 20.28
C ILE B 21 7.17 36.16 19.75
N TRP B 22 5.95 36.67 19.58
CA TRP B 22 5.72 38.04 19.17
C TRP B 22 5.23 38.83 20.39
N HIS B 23 6.09 39.69 20.92
CA HIS B 23 5.78 40.43 22.14
C HIS B 23 6.32 41.84 22.04
N GLY B 24 5.54 42.80 22.53
CA GLY B 24 5.94 44.20 22.46
C GLY B 24 6.18 44.69 21.06
N ASP B 25 5.42 44.18 20.09
CA ASP B 25 5.58 44.48 18.67
C ASP B 25 6.97 44.15 18.16
N THR B 26 7.68 43.22 18.82
CA THR B 26 8.96 42.73 18.34
C THR B 26 8.97 41.21 18.41
N LEU B 27 9.97 40.62 17.77
CA LEU B 27 10.12 39.17 17.74
C LEU B 27 11.21 38.78 18.72
N TRP B 28 10.87 37.93 19.68
CA TRP B 28 11.85 37.41 20.62
C TRP B 28 12.04 35.93 20.36
N PHE B 29 13.28 35.46 20.46
CA PHE B 29 13.53 34.02 20.29
C PHE B 29 14.85 33.70 20.96
N VAL B 30 15.27 32.45 20.82
CA VAL B 30 16.47 31.96 21.50
C VAL B 30 17.36 31.24 20.50
N ASP B 31 18.64 31.17 20.86
CA ASP B 31 19.57 30.20 20.31
C ASP B 31 19.96 29.31 21.48
N ILE B 32 19.42 28.08 21.49
CA ILE B 32 19.56 27.19 22.64
C ILE B 32 21.02 26.84 22.87
N LYS B 33 21.71 26.40 21.81
CA LYS B 33 23.05 25.85 21.97
C LYS B 33 24.12 26.93 22.09
N GLN B 34 23.87 28.13 21.56
CA GLN B 34 24.76 29.26 21.77
C GLN B 34 24.40 30.05 23.02
N ARG B 35 23.35 29.65 23.74
CA ARG B 35 22.93 30.28 24.99
C ARG B 35 22.65 31.77 24.79
N LYS B 36 21.77 32.07 23.85
CA LYS B 36 21.48 33.45 23.50
C LYS B 36 19.98 33.72 23.47
N ILE B 37 19.60 34.92 23.88
CA ILE B 37 18.26 35.45 23.70
C ILE B 37 18.34 36.58 22.68
N HIS B 38 17.57 36.46 21.60
CA HIS B 38 17.61 37.43 20.52
C HIS B 38 16.29 38.19 20.43
N ASN B 39 16.39 39.43 19.97
CA ASN B 39 15.24 40.31 19.82
C ASN B 39 15.41 41.07 18.51
N TYR B 40 14.36 41.04 17.67
CA TYR B 40 14.41 41.61 16.34
C TYR B 40 13.23 42.55 16.15
N HIS B 41 13.52 43.76 15.66
CA HIS B 41 12.50 44.77 15.43
C HIS B 41 12.23 44.88 13.94
N PRO B 42 11.14 44.32 13.42
CA PRO B 42 10.93 44.33 11.97
C PRO B 42 10.74 45.71 11.37
N ALA B 43 10.19 46.65 12.14
CA ALA B 43 9.90 47.98 11.59
C ALA B 43 11.17 48.77 11.34
N THR B 44 12.23 48.47 12.09
CA THR B 44 13.49 49.21 12.00
C THR B 44 14.69 48.36 11.65
N GLY B 45 14.58 47.05 11.66
CA GLY B 45 15.72 46.18 11.38
C GLY B 45 16.76 46.11 12.48
N GLU B 46 16.49 46.68 13.65
CA GLU B 46 17.44 46.57 14.76
C GLU B 46 17.40 45.19 15.39
N ARG B 47 18.58 44.74 15.84
CA ARG B 47 18.77 43.42 16.39
C ARG B 47 19.53 43.54 17.70
N PHE B 48 19.10 42.77 18.69
CA PHE B 48 19.74 42.78 20.01
C PHE B 48 19.90 41.35 20.48
N SER B 49 20.98 41.11 21.24
CA SER B 49 21.31 39.79 21.73
C SER B 49 21.78 39.87 23.17
N PHE B 50 21.34 38.90 23.97
CA PHE B 50 21.67 38.81 25.38
C PHE B 50 22.24 37.42 25.66
N ASP B 51 23.27 37.38 26.50
CA ASP B 51 23.93 36.12 26.83
C ASP B 51 23.21 35.44 27.99
N ALA B 52 23.10 34.11 27.91
CA ALA B 52 22.46 33.30 28.92
C ALA B 52 23.50 32.44 29.66
N PRO B 53 23.31 32.22 30.97
CA PRO B 53 24.29 31.41 31.72
C PRO B 53 24.25 29.92 31.37
N ASP B 54 23.21 29.47 30.69
CA ASP B 54 23.09 28.08 30.24
C ASP B 54 22.20 28.08 29.01
N GLN B 55 21.94 26.89 28.48
CA GLN B 55 21.03 26.76 27.36
C GLN B 55 19.67 27.36 27.71
N VAL B 56 19.20 28.27 26.88
CA VAL B 56 17.90 28.92 27.08
C VAL B 56 16.97 28.46 25.96
N THR B 57 15.78 27.98 26.34
CA THR B 57 14.95 27.21 25.43
C THR B 57 13.59 27.84 25.11
N PHE B 58 13.04 28.67 25.99
CA PHE B 58 11.76 29.32 25.69
C PHE B 58 11.65 30.64 26.43
N LEU B 59 10.73 31.47 25.96
CA LEU B 59 10.43 32.78 26.55
C LEU B 59 8.92 32.94 26.65
N ALA B 60 8.46 33.49 27.79
CA ALA B 60 7.03 33.74 27.99
C ALA B 60 6.81 35.04 28.77
N PRO B 61 6.01 35.96 28.25
CA PRO B 61 5.79 37.23 28.96
C PRO B 61 4.96 37.03 30.24
N ILE B 62 5.23 37.89 31.23
CA ILE B 62 4.57 37.84 32.53
C ILE B 62 3.51 38.93 32.61
N VAL B 63 2.36 38.58 33.18
CA VAL B 63 1.27 39.53 33.38
C VAL B 63 1.69 40.59 34.39
N GLY B 64 1.50 41.85 34.04
CA GLY B 64 1.74 42.94 34.97
C GLY B 64 3.19 43.21 35.29
N ALA B 65 4.12 42.69 34.48
CA ALA B 65 5.53 42.92 34.72
C ALA B 65 6.30 42.83 33.42
N THR B 66 7.45 43.49 33.39
CA THR B 66 8.35 43.39 32.26
C THR B 66 9.29 42.21 32.49
N GLY B 67 9.79 41.66 31.41
CA GLY B 67 10.67 40.50 31.45
C GLY B 67 9.93 39.25 31.01
N PHE B 68 10.67 38.14 31.06
CA PHE B 68 10.16 36.85 30.64
C PHE B 68 10.38 35.78 31.70
N VAL B 69 9.51 34.78 31.68
CA VAL B 69 9.79 33.48 32.27
C VAL B 69 10.48 32.65 31.19
N VAL B 70 11.69 32.17 31.50
CA VAL B 70 12.51 31.46 30.52
C VAL B 70 12.89 30.09 31.10
N GLY B 71 13.22 29.17 30.19
CA GLY B 71 13.70 27.88 30.61
C GLY B 71 15.19 27.72 30.35
N LEU B 72 15.97 27.48 31.39
CA LEU B 72 17.37 27.11 31.27
C LEU B 72 17.54 25.65 31.63
N LYS B 73 18.66 25.06 31.20
CA LYS B 73 18.91 23.67 31.55
C LYS B 73 18.90 23.44 33.05
N THR B 74 19.19 24.48 33.83
CA THR B 74 19.21 24.39 35.28
C THR B 74 17.85 24.61 35.92
N GLY B 75 16.83 25.01 35.15
CA GLY B 75 15.51 25.19 35.70
C GLY B 75 14.74 26.35 35.08
N ILE B 76 13.54 26.62 35.58
CA ILE B 76 12.76 27.75 35.10
C ILE B 76 13.24 29.01 35.83
N HIS B 77 13.63 30.03 35.08
CA HIS B 77 14.16 31.26 35.62
C HIS B 77 13.30 32.45 35.21
N ARG B 78 13.48 33.55 35.93
CA ARG B 78 12.99 34.85 35.52
C ARG B 78 14.13 35.61 34.85
N PHE B 79 13.83 36.26 33.71
CA PHE B 79 14.80 37.06 32.97
C PHE B 79 14.25 38.46 32.77
N HIS B 80 15.05 39.45 33.12
CA HIS B 80 14.79 40.85 32.84
C HIS B 80 16.13 41.43 32.39
N PRO B 81 16.17 42.17 31.29
CA PRO B 81 17.47 42.61 30.73
C PRO B 81 18.39 43.31 31.71
N ALA B 82 17.85 44.00 32.70
CA ALA B 82 18.61 44.75 33.68
C ALA B 82 18.71 44.01 35.00
N THR B 83 18.41 42.70 35.00
CA THR B 83 18.28 42.03 36.27
C THR B 83 19.10 40.73 36.28
N GLY B 84 19.53 40.28 35.11
CA GLY B 84 20.19 39.01 34.98
C GLY B 84 19.12 37.93 34.98
N PHE B 85 19.55 36.73 35.36
CA PHE B 85 18.74 35.53 35.45
C PHE B 85 18.65 35.15 36.92
N SER B 86 17.45 34.80 37.37
CA SER B 86 17.24 34.38 38.75
C SER B 86 16.37 33.14 38.77
N LEU B 87 16.79 32.14 39.55
CA LEU B 87 16.09 30.86 39.65
C LEU B 87 14.69 31.04 40.23
N LEU B 88 13.69 30.55 39.50
CA LEU B 88 12.30 30.53 39.93
C LEU B 88 11.85 29.11 40.34
N LEU B 89 12.25 28.03 39.63
CA LEU B 89 12.00 26.68 40.15
C LEU B 89 12.76 25.63 39.39
N GLU B 90 13.31 24.67 40.13
CA GLU B 90 13.80 23.44 39.55
C GLU B 90 12.66 22.45 39.37
N VAL B 91 12.69 21.73 38.25
CA VAL B 91 11.61 20.81 37.92
C VAL B 91 12.07 19.35 37.91
N GLU B 92 13.34 19.07 37.64
CA GLU B 92 13.79 17.70 37.50
C GLU B 92 15.17 17.52 38.12
N ASP B 93 15.51 16.27 38.38
CA ASP B 93 16.82 15.93 38.93
C ASP B 93 17.90 16.11 37.87
N ALA B 94 19.03 16.67 38.28
CA ALA B 94 20.13 16.92 37.36
C ALA B 94 20.73 15.65 36.80
N ALA B 95 20.56 14.51 37.49
CA ALA B 95 21.15 13.26 37.01
C ALA B 95 20.53 12.80 35.70
N LEU B 96 19.28 13.19 35.44
CA LEU B 96 18.64 12.82 34.18
C LEU B 96 19.33 13.42 32.96
N ASN B 97 20.13 14.47 33.15
CA ASN B 97 20.69 15.24 32.05
C ASN B 97 19.57 15.74 31.14
N ASN B 98 18.49 16.20 31.76
CA ASN B 98 17.37 16.78 31.02
C ASN B 98 17.55 18.28 30.88
N ARG B 99 16.73 18.87 30.01
CA ARG B 99 16.66 20.31 29.84
C ARG B 99 15.25 20.65 29.38
N PRO B 100 14.76 21.84 29.70
CA PRO B 100 13.48 22.27 29.12
C PRO B 100 13.59 22.41 27.61
N ASN B 101 12.45 22.59 26.96
CA ASN B 101 12.44 22.81 25.53
C ASN B 101 11.38 23.84 25.14
N ASP B 102 10.31 23.39 24.48
CA ASP B 102 9.31 24.30 23.95
C ASP B 102 8.27 24.64 25.03
N ALA B 103 7.53 25.71 24.77
CA ALA B 103 6.54 26.18 25.74
C ALA B 103 5.49 27.01 25.03
N THR B 104 4.39 27.26 25.74
CA THR B 104 3.30 28.10 25.30
C THR B 104 2.58 28.63 26.53
N VAL B 105 1.76 29.66 26.31
CA VAL B 105 0.93 30.26 27.35
C VAL B 105 -0.51 30.22 26.86
N ASP B 106 -1.39 29.59 27.63
CA ASP B 106 -2.78 29.49 27.20
C ASP B 106 -3.54 30.76 27.57
N ALA B 107 -4.82 30.80 27.19
CA ALA B 107 -5.64 31.99 27.41
C ALA B 107 -5.90 32.27 28.88
N GLN B 108 -5.59 31.34 29.78
CA GLN B 108 -5.77 31.54 31.21
C GLN B 108 -4.48 31.96 31.91
N GLY B 109 -3.42 32.23 31.16
CA GLY B 109 -2.16 32.61 31.76
C GLY B 109 -1.33 31.45 32.29
N ARG B 110 -1.69 30.21 31.95
CA ARG B 110 -0.92 29.05 32.38
C ARG B 110 0.26 28.83 31.45
N LEU B 111 1.38 28.39 32.01
CA LEU B 111 2.58 28.09 31.22
C LEU B 111 2.67 26.58 31.00
N TRP B 112 2.52 26.14 29.76
CA TRP B 112 2.73 24.75 29.39
C TRP B 112 4.12 24.61 28.78
N PHE B 113 4.97 23.79 29.38
CA PHE B 113 6.30 23.63 28.84
C PHE B 113 6.74 22.17 28.93
N GLY B 114 7.61 21.77 28.00
CA GLY B 114 8.09 20.41 28.00
C GLY B 114 9.56 20.32 28.37
N THR B 115 10.00 19.13 28.75
CA THR B 115 11.41 18.85 28.95
C THR B 115 11.83 17.72 28.01
N MET B 116 13.14 17.50 27.95
CA MET B 116 13.68 16.51 27.02
C MET B 116 15.04 16.06 27.54
N HIS B 117 15.45 14.88 27.10
CA HIS B 117 16.81 14.43 27.34
C HIS B 117 17.76 15.27 26.50
N ASP B 118 18.69 15.97 27.16
CA ASP B 118 19.63 16.81 26.44
C ASP B 118 20.47 15.98 25.47
N GLY B 119 20.71 14.70 25.78
CA GLY B 119 21.38 13.81 24.87
C GLY B 119 20.50 13.26 23.77
N GLU B 120 19.19 13.48 23.85
CA GLU B 120 18.25 13.09 22.80
C GLU B 120 18.28 11.58 22.55
N GLU B 121 18.30 10.79 23.62
CA GLU B 121 18.36 9.35 23.50
C GLU B 121 17.38 8.66 24.45
N ASN B 122 17.28 9.16 25.69
CA ASN B 122 16.41 8.57 26.70
C ASN B 122 15.02 9.18 26.64
N ASN B 123 14.01 8.36 26.95
CA ASN B 123 12.63 8.82 27.03
C ASN B 123 12.34 9.37 28.43
N SER B 124 13.08 10.42 28.79
CA SER B 124 13.04 10.96 30.14
C SER B 124 12.34 12.32 30.23
N GLY B 125 11.85 12.85 29.13
CA GLY B 125 11.17 14.13 29.14
C GLY B 125 9.68 14.01 29.47
N SER B 126 9.12 15.14 29.91
CA SER B 126 7.74 15.21 30.37
C SER B 126 7.11 16.52 29.90
N LEU B 127 5.78 16.60 30.03
CA LEU B 127 5.02 17.81 29.79
C LEU B 127 4.52 18.36 31.12
N TYR B 128 4.70 19.66 31.34
CA TYR B 128 4.35 20.29 32.61
C TYR B 128 3.43 21.47 32.37
N ARG B 129 2.53 21.68 33.34
CA ARG B 129 1.64 22.83 33.35
C ARG B 129 1.85 23.59 34.66
N MET B 130 2.28 24.84 34.57
CA MET B 130 2.57 25.69 35.71
C MET B 130 1.52 26.79 35.78
N ASP B 131 0.79 26.82 36.88
CA ASP B 131 -0.23 27.85 37.09
C ASP B 131 -0.22 28.20 38.58
N LEU B 132 -1.30 28.86 39.04
CA LEU B 132 -1.35 29.31 40.42
C LEU B 132 -1.31 28.16 41.41
N THR B 133 -1.86 27.00 41.04
CA THR B 133 -1.83 25.84 41.93
C THR B 133 -0.47 25.15 41.95
N GLY B 134 0.46 25.55 41.09
CA GLY B 134 1.77 24.91 41.04
C GLY B 134 2.11 24.29 39.71
N VAL B 135 3.03 23.34 39.70
CA VAL B 135 3.50 22.67 38.49
C VAL B 135 3.02 21.23 38.54
N ALA B 136 2.28 20.82 37.51
CA ALA B 136 1.76 19.47 37.39
C ALA B 136 2.35 18.78 36.18
N ARG B 137 2.70 17.51 36.34
CA ARG B 137 3.26 16.69 35.28
C ARG B 137 2.10 16.11 34.48
N MET B 138 1.95 16.56 33.23
CA MET B 138 0.79 16.20 32.42
C MET B 138 1.02 15.05 31.47
N ASP B 139 2.26 14.80 31.07
CA ASP B 139 2.61 13.64 30.26
C ASP B 139 4.06 13.29 30.57
N ARG B 140 4.48 12.09 30.18
CA ARG B 140 5.79 11.62 30.56
C ARG B 140 6.31 10.61 29.55
N ASP B 141 7.58 10.26 29.72
CA ASP B 141 8.26 9.24 28.91
C ASP B 141 8.36 9.65 27.45
N ILE B 142 8.74 10.90 27.20
CA ILE B 142 8.93 11.41 25.83
C ILE B 142 10.35 11.90 25.71
N CYS B 143 11.08 11.38 24.72
CA CYS B 143 12.49 11.77 24.56
C CYS B 143 12.61 13.24 24.21
N ILE B 144 11.89 13.69 23.19
CA ILE B 144 11.91 15.08 22.76
C ILE B 144 10.47 15.57 22.70
N THR B 145 10.07 16.35 23.69
CA THR B 145 8.79 17.05 23.63
C THR B 145 8.92 18.30 22.79
N ASN B 146 7.79 18.79 22.27
CA ASN B 146 7.83 19.93 21.38
C ASN B 146 6.44 20.50 21.18
N GLY B 147 6.40 21.78 20.82
CA GLY B 147 5.22 22.44 20.30
C GLY B 147 3.92 22.27 21.05
N PRO B 148 3.87 22.69 22.32
CA PRO B 148 2.58 22.79 22.99
C PRO B 148 1.83 24.02 22.49
N CYS B 149 0.53 23.85 22.26
CA CYS B 149 -0.28 24.95 21.77
C CYS B 149 -1.74 24.62 21.98
N VAL B 150 -2.57 25.66 21.99
CA VAL B 150 -4.00 25.53 22.25
C VAL B 150 -4.78 26.18 21.12
N SER B 151 -5.95 25.62 20.82
CA SER B 151 -6.82 26.18 19.81
C SER B 151 -7.40 27.51 20.28
N PRO B 152 -7.84 28.36 19.35
CA PRO B 152 -8.42 29.65 19.75
C PRO B 152 -9.62 29.53 20.69
N ASP B 153 -10.38 28.44 20.60
CA ASP B 153 -11.51 28.26 21.50
C ASP B 153 -11.11 27.68 22.85
N GLY B 154 -9.84 27.35 23.05
CA GLY B 154 -9.35 26.86 24.32
C GLY B 154 -9.76 25.44 24.67
N LYS B 155 -10.43 24.73 23.77
CA LYS B 155 -10.93 23.39 24.06
C LYS B 155 -9.97 22.28 23.61
N THR B 156 -8.97 22.60 22.78
CA THR B 156 -8.05 21.58 22.27
C THR B 156 -6.61 21.99 22.57
N PHE B 157 -5.81 21.02 22.99
CA PHE B 157 -4.39 21.22 23.29
C PHE B 157 -3.57 20.26 22.45
N TYR B 158 -2.47 20.74 21.87
CA TYR B 158 -1.63 19.92 21.00
C TYR B 158 -0.25 19.75 21.60
N HIS B 159 0.34 18.57 21.39
CA HIS B 159 1.68 18.30 21.90
C HIS B 159 2.37 17.31 20.98
N THR B 160 3.69 17.44 20.84
CA THR B 160 4.43 16.70 19.84
C THR B 160 5.48 15.79 20.48
N ASP B 161 5.48 14.52 20.07
CA ASP B 161 6.60 13.61 20.28
C ASP B 161 7.39 13.63 18.97
N THR B 162 8.52 14.34 18.98
CA THR B 162 9.26 14.61 17.75
C THR B 162 9.86 13.33 17.17
N LEU B 163 10.61 12.58 17.98
CA LEU B 163 11.29 11.39 17.46
C LEU B 163 10.30 10.30 17.07
N GLU B 164 9.14 10.27 17.71
CA GLU B 164 8.07 9.38 17.28
C GLU B 164 7.26 9.95 16.12
N LYS B 165 7.56 11.18 15.70
CA LYS B 165 6.92 11.82 14.55
C LYS B 165 5.42 11.94 14.72
N THR B 166 4.97 12.22 15.95
CA THR B 166 3.54 12.25 16.23
C THR B 166 3.14 13.56 16.89
N ILE B 167 2.01 14.11 16.45
CA ILE B 167 1.38 15.24 17.12
C ILE B 167 0.05 14.73 17.66
N TYR B 168 -0.13 14.85 18.97
CA TYR B 168 -1.34 14.44 19.67
C TYR B 168 -2.21 15.64 19.99
N ALA B 169 -3.51 15.38 20.05
CA ALA B 169 -4.51 16.35 20.47
C ALA B 169 -5.20 15.85 21.74
N PHE B 170 -5.44 16.77 22.67
CA PHE B 170 -6.15 16.52 23.91
C PHE B 170 -7.35 17.45 23.98
N ASP B 171 -8.37 17.03 24.72
CA ASP B 171 -9.44 17.94 25.12
C ASP B 171 -8.97 18.74 26.33
N LEU B 172 -9.06 20.06 26.24
CA LEU B 172 -8.62 20.96 27.31
C LEU B 172 -9.85 21.61 27.95
N ALA B 173 -10.06 21.31 29.22
CA ALA B 173 -11.16 21.89 29.97
C ALA B 173 -10.74 23.20 30.61
N GLU B 174 -11.74 24.04 30.93
CA GLU B 174 -11.46 25.30 31.61
C GLU B 174 -10.72 25.09 32.91
N ASP B 175 -10.98 23.97 33.60
CA ASP B 175 -10.24 23.63 34.80
C ASP B 175 -8.75 23.43 34.54
N GLY B 176 -8.37 23.16 33.30
CA GLY B 176 -6.97 23.01 32.94
C GLY B 176 -6.46 21.60 32.81
N LEU B 177 -7.34 20.59 32.81
CA LEU B 177 -6.94 19.20 32.70
C LEU B 177 -7.03 18.73 31.26
N LEU B 178 -6.15 17.78 30.91
CA LEU B 178 -6.14 17.15 29.61
C LEU B 178 -6.81 15.79 29.67
N SER B 179 -7.53 15.45 28.61
CA SER B 179 -8.20 14.17 28.52
C SER B 179 -8.38 13.79 27.05
N ASN B 180 -8.73 12.53 26.83
CA ASN B 180 -9.00 12.01 25.49
C ASN B 180 -7.83 12.26 24.54
N LYS B 181 -6.67 11.72 24.93
CA LYS B 181 -5.48 11.83 24.09
C LYS B 181 -5.68 11.03 22.81
N ARG B 182 -5.35 11.64 21.68
CA ARG B 182 -5.52 10.98 20.38
C ARG B 182 -4.45 11.48 19.43
N VAL B 183 -4.19 10.67 18.41
CA VAL B 183 -3.22 11.08 17.39
C VAL B 183 -3.88 12.14 16.52
N PHE B 184 -3.24 13.31 16.45
CA PHE B 184 -3.69 14.35 15.52
C PHE B 184 -3.07 14.15 14.14
N VAL B 185 -1.75 14.01 14.09
CA VAL B 185 -1.05 13.77 12.83
C VAL B 185 0.12 12.83 13.09
N GLN B 186 0.29 11.86 12.20
CA GLN B 186 1.44 10.97 12.20
C GLN B 186 2.24 11.34 10.96
N PHE B 187 3.50 11.72 11.15
CA PHE B 187 4.32 12.25 10.07
C PHE B 187 5.01 11.13 9.32
N ALA B 188 4.77 11.07 8.02
CA ALA B 188 5.39 10.13 7.10
C ALA B 188 5.92 10.87 5.87
N LEU B 189 6.61 11.97 6.12
CA LEU B 189 7.07 12.84 5.05
C LEU B 189 8.48 12.52 4.59
N GLY B 190 9.24 11.75 5.36
CA GLY B 190 10.59 11.40 4.96
C GLY B 190 11.22 10.54 6.02
N ASP B 191 12.38 9.97 5.67
CA ASP B 191 13.11 9.12 6.61
C ASP B 191 13.59 9.93 7.80
N ASP B 192 14.19 11.09 7.54
CA ASP B 192 14.75 11.96 8.56
C ASP B 192 13.97 13.26 8.70
N VAL B 193 12.67 13.24 8.42
CA VAL B 193 11.80 14.41 8.56
C VAL B 193 11.01 14.25 9.85
N TYR B 194 11.20 15.19 10.79
CA TYR B 194 10.55 15.15 12.10
C TYR B 194 9.80 16.43 12.36
N PRO B 195 8.64 16.34 13.02
CA PRO B 195 7.94 17.56 13.44
C PRO B 195 8.65 18.22 14.61
N ASP B 196 8.91 19.52 14.49
CA ASP B 196 9.53 20.27 15.57
C ASP B 196 8.47 21.07 16.32
N GLY B 197 8.55 22.40 16.24
CA GLY B 197 7.61 23.25 16.94
C GLY B 197 6.34 23.53 16.16
N SER B 198 5.27 23.84 16.88
CA SER B 198 3.97 24.09 16.27
C SER B 198 3.29 25.26 16.95
N VAL B 199 2.41 25.93 16.19
CA VAL B 199 1.51 26.95 16.72
C VAL B 199 0.15 26.75 16.06
N VAL B 200 -0.87 27.40 16.61
CA VAL B 200 -2.23 27.36 16.07
C VAL B 200 -2.63 28.78 15.69
N ASP B 201 -3.17 28.96 14.49
CA ASP B 201 -3.56 30.27 14.02
C ASP B 201 -4.99 30.59 14.49
N SER B 202 -5.49 31.76 14.08
CA SER B 202 -6.79 32.21 14.55
C SER B 202 -7.94 31.33 14.08
N GLU B 203 -7.77 30.57 13.01
CA GLU B 203 -8.83 29.71 12.50
C GLU B 203 -8.75 28.29 13.05
N GLY B 204 -7.79 28.00 13.91
CA GLY B 204 -7.63 26.66 14.46
C GLY B 204 -6.71 25.76 13.67
N TYR B 205 -6.01 26.28 12.66
CA TYR B 205 -5.09 25.46 11.87
C TYR B 205 -3.74 25.39 12.56
N LEU B 206 -3.10 24.23 12.46
CA LEU B 206 -1.82 23.96 13.11
C LEU B 206 -0.68 24.16 12.11
N TRP B 207 0.24 25.06 12.42
CA TRP B 207 1.47 25.24 11.65
C TRP B 207 2.59 24.49 12.35
N THR B 208 3.23 23.56 11.62
CA THR B 208 4.28 22.70 12.16
C THR B 208 5.55 22.89 11.35
N ALA B 209 6.64 23.25 12.02
CA ALA B 209 7.94 23.35 11.37
C ALA B 209 8.60 21.97 11.30
N LEU B 210 9.30 21.72 10.20
CA LEU B 210 9.86 20.40 9.93
C LEU B 210 11.36 20.40 10.14
N TRP B 211 11.82 19.56 11.08
CA TRP B 211 13.24 19.26 11.17
C TRP B 211 13.62 18.33 10.02
N GLY B 212 14.56 18.77 9.18
CA GLY B 212 14.92 17.98 8.01
C GLY B 212 13.92 18.02 6.88
N GLY B 213 12.88 18.85 6.97
CA GLY B 213 11.86 18.93 5.94
C GLY B 213 11.83 20.20 5.14
N PHE B 214 12.79 21.11 5.33
CA PHE B 214 12.97 22.30 4.50
C PHE B 214 11.75 23.21 4.50
N GLY B 215 11.02 23.28 5.61
CA GLY B 215 9.89 24.19 5.63
C GLY B 215 8.90 23.84 6.73
N ALA B 216 7.62 24.12 6.44
CA ALA B 216 6.57 23.94 7.43
C ALA B 216 5.27 23.60 6.73
N VAL B 217 4.38 22.94 7.47
CA VAL B 217 3.11 22.45 6.94
C VAL B 217 1.98 23.03 7.79
N ARG B 218 0.89 23.40 7.12
CA ARG B 218 -0.34 23.86 7.77
C ARG B 218 -1.38 22.75 7.68
N PHE B 219 -1.95 22.38 8.83
CA PHE B 219 -2.92 21.32 8.96
C PHE B 219 -4.27 21.90 9.38
N SER B 220 -5.33 21.44 8.75
CA SER B 220 -6.67 21.79 9.20
C SER B 220 -6.91 21.19 10.58
N PRO B 221 -7.87 21.73 11.34
CA PRO B 221 -8.21 21.13 12.64
C PRO B 221 -8.66 19.68 12.54
N GLN B 222 -8.99 19.20 11.34
CA GLN B 222 -9.32 17.81 11.12
C GLN B 222 -8.08 16.96 10.84
N GLY B 223 -6.91 17.58 10.73
CA GLY B 223 -5.67 16.85 10.53
C GLY B 223 -5.20 16.70 9.10
N ASP B 224 -5.74 17.47 8.16
CA ASP B 224 -5.35 17.38 6.76
C ASP B 224 -4.38 18.49 6.42
N ALA B 225 -3.28 18.14 5.74
CA ALA B 225 -2.34 19.14 5.28
C ALA B 225 -2.94 19.95 4.14
N VAL B 226 -2.91 21.27 4.27
CA VAL B 226 -3.49 22.14 3.27
C VAL B 226 -2.45 23.05 2.60
N THR B 227 -1.30 23.29 3.21
CA THR B 227 -0.28 24.15 2.65
C THR B 227 1.08 23.68 3.14
N ARG B 228 2.10 23.78 2.28
CA ARG B 228 3.47 23.53 2.68
C ARG B 228 4.34 24.67 2.16
N ILE B 229 5.06 25.31 3.07
CA ILE B 229 5.99 26.38 2.72
C ILE B 229 7.40 25.81 2.73
N GLU B 230 8.16 26.16 1.68
CA GLU B 230 9.54 25.72 1.53
C GLU B 230 10.47 26.87 1.90
N LEU B 231 11.54 26.54 2.61
CA LEU B 231 12.55 27.48 3.04
C LEU B 231 13.91 26.98 2.61
N PRO B 232 14.87 27.90 2.34
CA PRO B 232 16.25 27.51 2.03
C PRO B 232 17.04 27.09 3.28
N ALA B 233 16.44 26.21 4.08
CA ALA B 233 17.01 25.75 5.33
C ALA B 233 16.51 24.35 5.65
N PRO B 234 17.41 23.36 5.79
CA PRO B 234 16.94 21.98 6.01
C PRO B 234 16.17 21.80 7.31
N ASN B 235 16.62 22.42 8.40
CA ASN B 235 16.01 22.25 9.72
C ASN B 235 15.28 23.51 10.11
N VAL B 236 13.95 23.47 10.09
CA VAL B 236 13.09 24.55 10.56
C VAL B 236 12.50 24.14 11.90
N THR B 237 12.58 25.02 12.90
CA THR B 237 12.28 24.65 14.28
C THR B 237 10.91 25.11 14.76
N LYS B 238 10.50 26.33 14.44
CA LYS B 238 9.22 26.78 14.96
C LYS B 238 8.68 27.96 14.16
N PRO B 239 7.37 28.01 13.91
CA PRO B 239 6.76 29.22 13.35
C PRO B 239 6.26 30.15 14.44
N CYS B 240 6.06 31.41 14.06
CA CYS B 240 5.56 32.42 14.99
C CYS B 240 4.89 33.53 14.21
N PHE B 241 3.62 33.79 14.52
CA PHE B 241 2.89 34.86 13.84
C PHE B 241 3.23 36.20 14.46
N GLY B 242 3.60 37.16 13.62
CA GLY B 242 3.90 38.51 14.05
C GLY B 242 3.47 39.53 13.00
N GLY B 243 3.96 40.76 13.13
CA GLY B 243 3.56 41.83 12.26
C GLY B 243 2.34 42.54 12.82
N PRO B 244 1.96 43.66 12.20
CA PRO B 244 0.89 44.49 12.78
C PRO B 244 -0.46 43.79 12.83
N ASP B 245 -0.71 42.85 11.93
CA ASP B 245 -1.97 42.12 11.86
C ASP B 245 -1.81 40.65 12.23
N LEU B 246 -0.63 40.25 12.71
CA LEU B 246 -0.32 38.85 13.01
C LEU B 246 -0.41 37.98 11.75
N LYS B 247 -0.14 38.59 10.59
CA LYS B 247 -0.17 37.89 9.31
C LYS B 247 1.21 37.75 8.68
N THR B 248 2.27 38.04 9.43
CA THR B 248 3.63 37.76 8.97
C THR B 248 4.12 36.52 9.72
N LEU B 249 4.27 35.40 9.01
CA LEU B 249 4.67 34.15 9.63
C LEU B 249 6.19 34.07 9.61
N TYR B 250 6.81 34.17 10.79
CA TYR B 250 8.24 34.00 10.94
C TYR B 250 8.56 32.54 11.26
N PHE B 251 9.80 32.17 11.00
CA PHE B 251 10.30 30.83 11.24
C PHE B 251 11.71 30.94 11.80
N THR B 252 11.97 30.21 12.88
CA THR B 252 13.34 30.00 13.33
C THR B 252 13.87 28.71 12.72
N THR B 253 15.17 28.67 12.49
CA THR B 253 15.82 27.52 11.87
C THR B 253 17.07 27.18 12.66
N ALA B 254 17.70 26.06 12.29
CA ALA B 254 18.82 25.53 13.06
C ALA B 254 19.92 25.03 12.12
N ARG B 255 21.17 25.27 12.50
CA ARG B 255 22.32 24.68 11.83
C ARG B 255 22.76 23.38 12.46
N LYS B 256 22.24 23.05 13.65
CA LYS B 256 22.62 21.84 14.35
C LYS B 256 22.28 20.59 13.53
N GLY B 257 23.22 19.66 13.49
CA GLY B 257 23.03 18.40 12.79
C GLY B 257 23.33 18.42 11.31
N LEU B 258 23.70 19.57 10.76
CA LEU B 258 23.99 19.70 9.34
C LEU B 258 25.50 19.69 9.12
N SER B 259 25.94 18.97 8.10
CA SER B 259 27.35 18.88 7.79
C SER B 259 27.87 20.20 7.24
N ASP B 260 29.19 20.30 7.16
CA ASP B 260 29.81 21.52 6.62
C ASP B 260 29.47 21.71 5.15
N GLU B 261 29.34 20.62 4.39
CA GLU B 261 28.97 20.73 2.99
C GLU B 261 27.54 21.21 2.84
N THR B 262 26.62 20.66 3.64
CA THR B 262 25.23 21.10 3.60
C THR B 262 25.12 22.57 4.02
N LEU B 263 25.89 22.97 5.04
CA LEU B 263 25.84 24.35 5.49
C LEU B 263 26.47 25.30 4.48
N ALA B 264 27.50 24.84 3.76
CA ALA B 264 28.05 25.67 2.68
C ALA B 264 27.05 25.84 1.55
N GLN B 265 26.24 24.82 1.27
CA GLN B 265 25.22 24.96 0.23
C GLN B 265 23.99 25.71 0.71
N TYR B 266 23.68 25.67 2.01
CA TYR B 266 22.55 26.40 2.58
C TYR B 266 23.07 27.32 3.68
N PRO B 267 23.78 28.40 3.30
CA PRO B 267 24.41 29.25 4.32
C PRO B 267 23.43 30.05 5.17
N LEU B 268 22.20 30.26 4.72
CA LEU B 268 21.23 30.98 5.52
C LEU B 268 20.62 30.13 6.62
N ALA B 269 20.99 28.86 6.71
CA ALA B 269 20.50 28.00 7.77
C ALA B 269 20.84 28.61 9.13
N GLY B 270 19.92 28.50 10.07
CA GLY B 270 20.05 29.17 11.34
C GLY B 270 19.54 30.58 11.36
N GLY B 271 19.05 31.09 10.23
CA GLY B 271 18.49 32.43 10.19
C GLY B 271 17.01 32.45 10.49
N VAL B 272 16.46 33.65 10.58
CA VAL B 272 15.04 33.86 10.79
C VAL B 272 14.40 34.23 9.46
N PHE B 273 13.33 33.54 9.11
CA PHE B 273 12.67 33.74 7.83
C PHE B 273 11.26 34.27 8.07
N ALA B 274 10.71 34.93 7.04
CA ALA B 274 9.38 35.50 7.14
C ALA B 274 8.66 35.35 5.81
N VAL B 275 7.36 35.05 5.89
CA VAL B 275 6.51 34.92 4.71
C VAL B 275 5.13 35.47 5.06
N PRO B 276 4.51 36.28 4.20
CA PRO B 276 3.14 36.72 4.48
C PRO B 276 2.14 35.60 4.21
N VAL B 277 1.16 35.47 5.11
CA VAL B 277 0.12 34.47 5.00
C VAL B 277 -1.23 35.17 5.05
N ASP B 278 -2.27 34.43 4.68
CA ASP B 278 -3.61 34.99 4.57
C ASP B 278 -4.38 34.98 5.89
N VAL B 279 -4.06 34.06 6.79
CA VAL B 279 -4.82 33.88 8.03
C VAL B 279 -3.94 34.32 9.20
N ALA B 280 -4.45 35.24 10.01
CA ALA B 280 -3.70 35.74 11.15
C ALA B 280 -3.57 34.67 12.23
N GLY B 281 -2.54 34.82 13.06
CA GLY B 281 -2.32 33.94 14.18
C GLY B 281 -3.05 34.42 15.42
N GLN B 282 -2.73 33.76 16.54
CA GLN B 282 -3.33 34.16 17.81
C GLN B 282 -2.41 35.12 18.57
N PRO B 283 -2.96 36.08 19.29
CA PRO B 283 -2.12 36.96 20.11
C PRO B 283 -1.44 36.19 21.23
N GLN B 284 -0.25 36.65 21.58
CA GLN B 284 0.53 36.00 22.64
C GLN B 284 -0.09 36.27 23.99
N HIS B 285 -0.19 35.22 24.81
CA HIS B 285 -0.70 35.34 26.16
C HIS B 285 0.46 35.48 27.15
N GLU B 286 0.14 36.02 28.31
CA GLU B 286 1.14 36.29 29.34
C GLU B 286 0.91 35.40 30.56
N VAL B 287 2.01 34.99 31.18
CA VAL B 287 1.92 34.10 32.33
C VAL B 287 1.42 34.87 33.55
N ARG B 288 0.49 34.27 34.28
CA ARG B 288 -0.05 34.88 35.49
CA ARG B 288 -0.06 34.87 35.50
C ARG B 288 0.62 34.24 36.70
N LEU B 289 1.53 34.97 37.33
CA LEU B 289 2.24 34.49 38.51
C LEU B 289 1.48 34.78 39.80
N VAL B 290 0.42 35.57 39.73
CA VAL B 290 -0.39 35.88 40.89
C VAL B 290 -1.85 35.89 40.45
N GLN C 5 -2.39 9.24 29.32
CA GLN C 5 -1.24 8.39 29.07
C GLN C 5 -1.46 7.49 27.85
N VAL C 6 -2.62 6.84 27.80
CA VAL C 6 -2.96 5.95 26.70
C VAL C 6 -3.50 6.77 25.54
N THR C 7 -3.04 6.45 24.33
CA THR C 7 -3.37 7.22 23.14
C THR C 7 -4.34 6.46 22.24
N CYS C 8 -5.34 7.19 21.73
CA CYS C 8 -6.24 6.69 20.70
C CYS C 8 -5.62 6.98 19.34
N VAL C 9 -5.21 5.93 18.63
CA VAL C 9 -4.56 6.09 17.32
C VAL C 9 -5.55 6.21 16.18
N TRP C 10 -6.82 5.87 16.41
CA TRP C 10 -7.83 5.96 15.34
C TRP C 10 -9.18 6.20 16.02
N ASP C 11 -9.68 7.43 15.92
CA ASP C 11 -10.98 7.80 16.47
C ASP C 11 -12.09 7.26 15.58
N LEU C 12 -12.16 5.92 15.53
CA LEU C 12 -13.05 5.25 14.58
C LEU C 12 -14.51 5.29 15.02
N LYS C 13 -14.75 5.31 16.33
CA LYS C 13 -16.11 5.27 16.87
C LYS C 13 -16.85 4.04 16.36
N ALA C 14 -16.19 2.89 16.46
CA ALA C 14 -16.79 1.64 16.03
C ALA C 14 -17.91 1.22 16.98
N THR C 15 -18.95 0.61 16.42
CA THR C 15 -20.03 0.08 17.25
C THR C 15 -19.52 -1.08 18.09
N LEU C 16 -18.82 -2.04 17.46
CA LEU C 16 -18.27 -3.20 18.16
C LEU C 16 -16.93 -3.55 17.49
N GLY C 17 -15.91 -2.77 17.82
CA GLY C 17 -14.56 -3.09 17.37
C GLY C 17 -14.08 -4.34 18.06
N GLU C 18 -13.56 -5.29 17.28
CA GLU C 18 -13.23 -6.61 17.81
C GLU C 18 -12.16 -7.25 16.96
N GLY C 19 -11.68 -8.40 17.43
CA GLY C 19 -10.76 -9.25 16.71
C GLY C 19 -9.55 -8.58 16.08
N PRO C 20 -8.77 -7.83 16.87
CA PRO C 20 -7.54 -7.26 16.31
C PRO C 20 -6.44 -8.29 16.20
N ILE C 21 -5.70 -8.23 15.08
CA ILE C 21 -4.52 -9.05 14.87
C ILE C 21 -3.44 -8.17 14.26
N TRP C 22 -2.19 -8.59 14.45
CA TRP C 22 -1.03 -7.93 13.87
C TRP C 22 -0.53 -8.79 12.72
N HIS C 23 -0.76 -8.32 11.49
CA HIS C 23 -0.43 -9.10 10.30
C HIS C 23 0.11 -8.16 9.22
N GLY C 24 1.16 -8.61 8.54
CA GLY C 24 1.80 -7.78 7.54
C GLY C 24 2.34 -6.47 8.08
N ASP C 25 2.81 -6.47 9.33
CA ASP C 25 3.30 -5.27 10.00
C ASP C 25 2.26 -4.17 10.04
N THR C 26 0.99 -4.55 9.98
CA THR C 26 -0.14 -3.63 10.14
C THR C 26 -1.15 -4.27 11.10
N LEU C 27 -2.11 -3.47 11.54
CA LEU C 27 -3.14 -3.92 12.46
C LEU C 27 -4.43 -4.17 11.69
N TRP C 28 -4.94 -5.39 11.79
CA TRP C 28 -6.23 -5.76 11.21
C TRP C 28 -7.21 -6.03 12.33
N PHE C 29 -8.44 -5.57 12.14
CA PHE C 29 -9.51 -5.82 13.10
C PHE C 29 -10.84 -5.63 12.39
N VAL C 30 -11.93 -5.79 13.13
CA VAL C 30 -13.27 -5.75 12.58
C VAL C 30 -14.15 -4.84 13.42
N ASP C 31 -15.22 -4.36 12.80
CA ASP C 31 -16.38 -3.82 13.49
C ASP C 31 -17.52 -4.80 13.20
N ILE C 32 -17.90 -5.58 14.21
CA ILE C 32 -18.85 -6.67 14.01
C ILE C 32 -20.20 -6.13 13.54
N LYS C 33 -20.74 -5.14 14.25
CA LYS C 33 -22.10 -4.69 13.98
C LYS C 33 -22.20 -3.76 12.78
N GLN C 34 -21.12 -3.07 12.42
CA GLN C 34 -21.12 -2.28 11.20
C GLN C 34 -20.67 -3.08 9.99
N ARG C 35 -20.32 -4.36 10.17
CA ARG C 35 -19.96 -5.27 9.09
C ARG C 35 -18.81 -4.70 8.26
N LYS C 36 -17.71 -4.38 8.94
CA LYS C 36 -16.53 -3.81 8.31
C LYS C 36 -15.29 -4.55 8.75
N ILE C 37 -14.33 -4.66 7.84
CA ILE C 37 -12.98 -5.14 8.15
C ILE C 37 -12.05 -3.93 8.00
N HIS C 38 -11.30 -3.63 9.05
CA HIS C 38 -10.44 -2.47 9.09
C HIS C 38 -8.98 -2.86 9.10
N ASN C 39 -8.15 -1.98 8.54
CA ASN C 39 -6.71 -2.17 8.46
C ASN C 39 -6.05 -0.83 8.75
N TYR C 40 -5.11 -0.81 9.68
CA TYR C 40 -4.48 0.43 10.14
C TYR C 40 -2.98 0.29 10.05
N HIS C 41 -2.32 1.29 9.43
CA HIS C 41 -0.88 1.31 9.25
C HIS C 41 -0.27 2.30 10.24
N PRO C 42 0.36 1.83 11.32
CA PRO C 42 0.87 2.77 12.34
C PRO C 42 1.98 3.69 11.83
N ALA C 43 2.78 3.25 10.86
CA ALA C 43 3.91 4.05 10.42
C ALA C 43 3.47 5.29 9.66
N THR C 44 2.29 5.23 9.02
CA THR C 44 1.78 6.34 8.23
C THR C 44 0.43 6.84 8.68
N GLY C 45 -0.26 6.14 9.58
CA GLY C 45 -1.61 6.53 9.92
C GLY C 45 -2.64 6.24 8.85
N GLU C 46 -2.25 5.50 7.80
CA GLU C 46 -3.19 5.17 6.74
C GLU C 46 -4.18 4.12 7.21
N ARG C 47 -5.41 4.24 6.74
CA ARG C 47 -6.51 3.40 7.18
C ARG C 47 -7.28 2.90 5.96
N PHE C 48 -7.69 1.63 6.01
CA PHE C 48 -8.45 1.01 4.94
C PHE C 48 -9.60 0.21 5.53
N SER C 49 -10.72 0.16 4.80
CA SER C 49 -11.93 -0.48 5.28
C SER C 49 -12.58 -1.28 4.15
N PHE C 50 -13.11 -2.44 4.50
CA PHE C 50 -13.80 -3.32 3.55
C PHE C 50 -15.17 -3.65 4.10
N ASP C 51 -16.17 -3.65 3.23
CA ASP C 51 -17.53 -3.95 3.64
C ASP C 51 -17.77 -5.45 3.63
N ALA C 52 -18.47 -5.94 4.63
CA ALA C 52 -18.79 -7.36 4.73
C ALA C 52 -20.29 -7.58 4.52
N PRO C 53 -20.68 -8.68 3.87
CA PRO C 53 -22.11 -8.92 3.63
C PRO C 53 -22.90 -9.26 4.89
N ASP C 54 -22.23 -9.56 6.00
CA ASP C 54 -22.89 -9.87 7.26
C ASP C 54 -21.95 -9.48 8.38
N GLN C 55 -22.38 -9.70 9.63
CA GLN C 55 -21.50 -9.44 10.76
C GLN C 55 -20.23 -10.28 10.64
N VAL C 56 -19.08 -9.60 10.72
CA VAL C 56 -17.78 -10.25 10.65
C VAL C 56 -17.12 -10.14 12.01
N THR C 57 -16.64 -11.27 12.54
CA THR C 57 -16.29 -11.35 13.95
C THR C 57 -14.83 -11.65 14.24
N PHE C 58 -14.10 -12.29 13.32
CA PHE C 58 -12.68 -12.54 13.56
C PHE C 58 -11.93 -12.61 12.24
N LEU C 59 -10.61 -12.48 12.35
CA LEU C 59 -9.70 -12.58 11.21
C LEU C 59 -8.53 -13.47 11.60
N ALA C 60 -8.15 -14.36 10.69
CA ALA C 60 -6.98 -15.21 10.89
C ALA C 60 -6.30 -15.40 9.55
N PRO C 61 -5.03 -15.01 9.42
CA PRO C 61 -4.37 -15.14 8.12
C PRO C 61 -4.06 -16.58 7.78
N ILE C 62 -4.12 -16.89 6.49
CA ILE C 62 -3.86 -18.23 5.97
C ILE C 62 -2.45 -18.24 5.40
N VAL C 63 -1.78 -19.39 5.52
CA VAL C 63 -0.42 -19.52 5.02
C VAL C 63 -0.38 -19.20 3.53
N GLY C 64 0.58 -18.36 3.15
CA GLY C 64 0.80 -18.04 1.75
C GLY C 64 0.05 -16.85 1.20
N ALA C 65 -0.47 -15.98 2.07
CA ALA C 65 -1.21 -14.79 1.65
C ALA C 65 -2.38 -15.16 0.74
N THR C 66 -3.04 -16.27 1.07
CA THR C 66 -4.22 -16.71 0.35
C THR C 66 -5.52 -16.15 0.93
N GLY C 67 -5.44 -15.09 1.73
CA GLY C 67 -6.62 -14.50 2.32
C GLY C 67 -6.69 -14.78 3.82
N PHE C 68 -7.83 -14.39 4.40
CA PHE C 68 -8.09 -14.58 5.82
C PHE C 68 -9.24 -15.57 5.97
N VAL C 69 -9.21 -16.34 7.05
CA VAL C 69 -10.38 -17.05 7.51
C VAL C 69 -11.17 -16.10 8.40
N VAL C 70 -12.41 -15.82 8.03
CA VAL C 70 -13.22 -14.86 8.76
C VAL C 70 -14.49 -15.55 9.23
N GLY C 71 -15.07 -15.00 10.30
CA GLY C 71 -16.32 -15.50 10.81
C GLY C 71 -17.49 -14.58 10.49
N LEU C 72 -18.33 -14.99 9.56
CA LEU C 72 -19.61 -14.33 9.32
C LEU C 72 -20.70 -15.08 10.07
N LYS C 73 -21.79 -14.37 10.38
CA LYS C 73 -22.92 -15.01 11.03
C LYS C 73 -23.45 -16.17 10.20
N THR C 74 -23.25 -16.13 8.89
CA THR C 74 -23.72 -17.17 7.98
C THR C 74 -22.76 -18.34 7.87
N GLY C 75 -21.57 -18.24 8.44
CA GLY C 75 -20.64 -19.35 8.44
C GLY C 75 -19.21 -18.84 8.34
N ILE C 76 -18.29 -19.80 8.28
CA ILE C 76 -16.86 -19.49 8.15
C ILE C 76 -16.55 -19.27 6.68
N HIS C 77 -15.99 -18.10 6.37
CA HIS C 77 -15.69 -17.72 5.00
C HIS C 77 -14.21 -17.45 4.84
N ARG C 78 -13.77 -17.46 3.58
CA ARG C 78 -12.48 -16.92 3.20
C ARG C 78 -12.68 -15.50 2.70
N PHE C 79 -11.81 -14.59 3.12
CA PHE C 79 -11.86 -13.22 2.67
C PHE C 79 -10.51 -12.88 2.03
N HIS C 80 -10.57 -12.35 0.81
CA HIS C 80 -9.41 -11.80 0.15
C HIS C 80 -9.88 -10.48 -0.45
N PRO C 81 -9.10 -9.41 -0.28
CA PRO C 81 -9.51 -8.10 -0.81
C PRO C 81 -9.85 -8.12 -2.29
N ALA C 82 -9.26 -9.03 -3.07
CA ALA C 82 -9.49 -9.05 -4.51
C ALA C 82 -10.51 -10.11 -4.94
N THR C 83 -11.13 -10.82 -4.00
CA THR C 83 -12.19 -11.77 -4.33
C THR C 83 -13.40 -11.67 -3.41
N GLY C 84 -13.32 -10.87 -2.33
CA GLY C 84 -14.46 -10.78 -1.44
C GLY C 84 -14.54 -11.96 -0.50
N PHE C 85 -15.77 -12.33 -0.14
CA PHE C 85 -16.03 -13.39 0.82
C PHE C 85 -16.61 -14.59 0.08
N SER C 86 -16.10 -15.78 0.38
CA SER C 86 -16.59 -17.02 -0.20
C SER C 86 -16.72 -18.06 0.90
N LEU C 87 -17.86 -18.74 0.93
CA LEU C 87 -18.15 -19.68 2.02
C LEU C 87 -17.18 -20.84 2.02
N LEU C 88 -16.52 -21.05 3.16
CA LEU C 88 -15.66 -22.20 3.40
C LEU C 88 -16.37 -23.31 4.15
N LEU C 89 -17.17 -22.96 5.16
CA LEU C 89 -17.81 -23.96 5.98
C LEU C 89 -18.93 -23.39 6.85
N GLU C 90 -20.06 -24.08 6.88
CA GLU C 90 -21.07 -23.84 7.90
C GLU C 90 -20.73 -24.69 9.11
N VAL C 91 -20.91 -24.12 10.30
CA VAL C 91 -20.56 -24.82 11.52
C VAL C 91 -21.79 -25.14 12.37
N GLU C 92 -22.86 -24.35 12.27
CA GLU C 92 -24.04 -24.52 13.11
C GLU C 92 -25.29 -24.24 12.29
N ASP C 93 -26.43 -24.72 12.79
CA ASP C 93 -27.70 -24.46 12.14
C ASP C 93 -28.08 -22.99 12.31
N ALA C 94 -28.56 -22.38 11.22
CA ALA C 94 -28.93 -20.98 11.26
C ALA C 94 -30.10 -20.71 12.19
N ALA C 95 -30.90 -21.74 12.49
CA ALA C 95 -32.08 -21.56 13.35
C ALA C 95 -31.69 -21.17 14.77
N LEU C 96 -30.48 -21.54 15.21
CA LEU C 96 -30.03 -21.17 16.54
C LEU C 96 -29.91 -19.67 16.71
N ASN C 97 -29.85 -18.92 15.60
CA ASN C 97 -29.52 -17.49 15.63
C ASN C 97 -28.18 -17.26 16.33
N ASN C 98 -27.23 -18.14 16.04
CA ASN C 98 -25.88 -17.99 16.55
C ASN C 98 -25.02 -17.21 15.56
N ARG C 99 -23.85 -16.81 16.03
CA ARG C 99 -22.83 -16.20 15.17
C ARG C 99 -21.48 -16.53 15.77
N PRO C 100 -20.44 -16.62 14.94
CA PRO C 100 -19.09 -16.78 15.49
C PRO C 100 -18.70 -15.57 16.32
N ASN C 101 -17.58 -15.69 17.02
CA ASN C 101 -17.09 -14.57 17.81
C ASN C 101 -15.58 -14.45 17.71
N ASP C 102 -14.88 -14.74 18.81
CA ASP C 102 -13.44 -14.54 18.88
C ASP C 102 -12.72 -15.76 18.30
N ALA C 103 -11.43 -15.56 18.02
CA ALA C 103 -10.64 -16.63 17.43
C ALA C 103 -9.17 -16.42 17.76
N THR C 104 -8.39 -17.46 17.55
CA THR C 104 -6.94 -17.43 17.68
C THR C 104 -6.35 -18.55 16.84
N VAL C 105 -5.04 -18.45 16.59
CA VAL C 105 -4.30 -19.46 15.84
C VAL C 105 -3.14 -19.92 16.71
N ASP C 106 -3.08 -21.22 16.96
CA ASP C 106 -2.02 -21.76 17.80
C ASP C 106 -0.75 -21.98 16.97
N ALA C 107 0.30 -22.45 17.65
CA ALA C 107 1.59 -22.64 17.00
C ALA C 107 1.59 -23.72 15.93
N GLN C 108 0.54 -24.54 15.86
CA GLN C 108 0.43 -25.60 14.86
C GLN C 108 -0.40 -25.19 13.65
N GLY C 109 -0.78 -23.91 13.55
CA GLY C 109 -1.60 -23.46 12.46
C GLY C 109 -3.07 -23.78 12.59
N ARG C 110 -3.51 -24.23 13.75
CA ARG C 110 -4.92 -24.53 13.96
C ARG C 110 -5.68 -23.27 14.31
N LEU C 111 -6.92 -23.17 13.83
CA LEU C 111 -7.78 -22.04 14.11
C LEU C 111 -8.77 -22.44 15.22
N TRP C 112 -8.63 -21.80 16.38
CA TRP C 112 -9.59 -21.97 17.47
C TRP C 112 -10.55 -20.78 17.45
N PHE C 113 -11.83 -21.05 17.29
CA PHE C 113 -12.82 -19.99 17.27
C PHE C 113 -14.07 -20.41 18.02
N GLY C 114 -14.76 -19.43 18.57
CA GLY C 114 -15.99 -19.68 19.31
C GLY C 114 -17.21 -19.13 18.61
N THR C 115 -18.39 -19.60 19.01
CA THR C 115 -19.66 -19.06 18.55
C THR C 115 -20.44 -18.59 19.77
N MET C 116 -21.55 -17.88 19.50
CA MET C 116 -22.35 -17.31 20.57
C MET C 116 -23.75 -17.09 20.05
N HIS C 117 -24.70 -17.02 20.98
CA HIS C 117 -26.05 -16.61 20.63
C HIS C 117 -26.04 -15.13 20.27
N ASP C 118 -26.45 -14.82 19.04
CA ASP C 118 -26.45 -13.42 18.61
C ASP C 118 -27.35 -12.56 19.50
N GLY C 119 -28.39 -13.16 20.07
CA GLY C 119 -29.24 -12.47 21.02
C GLY C 119 -28.67 -12.36 22.41
N GLU C 120 -27.55 -13.06 22.69
CA GLU C 120 -26.86 -12.98 23.98
C GLU C 120 -27.77 -13.38 25.14
N GLU C 121 -28.52 -14.48 24.95
CA GLU C 121 -29.45 -14.95 25.95
C GLU C 121 -29.36 -16.47 26.14
N ASN C 122 -29.26 -17.21 25.04
CA ASN C 122 -29.21 -18.67 25.11
C ASN C 122 -27.77 -19.16 25.25
N ASN C 123 -27.60 -20.27 25.98
CA ASN C 123 -26.30 -20.92 26.12
C ASN C 123 -26.06 -21.90 24.98
N SER C 124 -26.04 -21.36 23.76
CA SER C 124 -25.97 -22.17 22.55
C SER C 124 -24.64 -22.08 21.82
N GLY C 125 -23.67 -21.31 22.35
CA GLY C 125 -22.39 -21.19 21.68
C GLY C 125 -21.43 -22.30 22.06
N SER C 126 -20.42 -22.50 21.21
CA SER C 126 -19.48 -23.60 21.36
C SER C 126 -18.08 -23.10 21.02
N LEU C 127 -17.08 -23.91 21.38
CA LEU C 127 -15.70 -23.68 20.99
C LEU C 127 -15.31 -24.73 19.95
N TYR C 128 -14.70 -24.27 18.86
CA TYR C 128 -14.36 -25.12 17.73
C TYR C 128 -12.87 -25.05 17.43
N ARG C 129 -12.33 -26.16 16.95
CA ARG C 129 -10.93 -26.25 16.52
C ARG C 129 -10.91 -26.68 15.06
N MET C 130 -10.36 -25.81 14.21
CA MET C 130 -10.28 -26.06 12.78
C MET C 130 -8.82 -26.30 12.41
N ASP C 131 -8.52 -27.50 11.94
CA ASP C 131 -7.16 -27.86 11.56
C ASP C 131 -7.22 -28.77 10.34
N LEU C 132 -6.11 -29.48 10.08
CA LEU C 132 -6.04 -30.30 8.88
C LEU C 132 -7.03 -31.47 8.93
N THR C 133 -7.33 -31.99 10.12
CA THR C 133 -8.27 -33.09 10.26
C THR C 133 -9.72 -32.65 10.19
N GLY C 134 -9.99 -31.35 10.11
CA GLY C 134 -11.37 -30.87 10.07
C GLY C 134 -11.71 -29.98 11.25
N VAL C 135 -13.00 -29.87 11.57
CA VAL C 135 -13.47 -29.03 12.66
C VAL C 135 -14.03 -29.91 13.76
N ALA C 136 -13.52 -29.73 14.97
CA ALA C 136 -13.95 -30.47 16.15
C ALA C 136 -14.54 -29.52 17.17
N ARG C 137 -15.64 -29.93 17.79
CA ARG C 137 -16.31 -29.15 18.82
C ARG C 137 -15.66 -29.46 20.17
N MET C 138 -14.99 -28.48 20.75
CA MET C 138 -14.20 -28.68 21.96
C MET C 138 -14.91 -28.29 23.24
N ASP C 139 -15.88 -27.37 23.18
CA ASP C 139 -16.69 -27.03 24.33
C ASP C 139 -18.04 -26.55 23.82
N ARG C 140 -19.01 -26.49 24.74
CA ARG C 140 -20.39 -26.19 24.36
C ARG C 140 -21.13 -25.61 25.56
N ASP C 141 -22.36 -25.14 25.28
CA ASP C 141 -23.29 -24.63 26.29
C ASP C 141 -22.76 -23.35 26.94
N ILE C 142 -22.24 -22.44 26.12
CA ILE C 142 -21.74 -21.15 26.56
C ILE C 142 -22.47 -20.07 25.78
N CYS C 143 -23.08 -19.12 26.50
CA CYS C 143 -23.83 -18.06 25.83
C CYS C 143 -22.91 -17.17 24.99
N ILE C 144 -21.85 -16.66 25.59
CA ILE C 144 -20.90 -15.77 24.91
C ILE C 144 -19.50 -16.33 25.16
N THR C 145 -18.92 -16.97 24.14
CA THR C 145 -17.52 -17.37 24.18
C THR C 145 -16.63 -16.16 23.87
N ASN C 146 -15.37 -16.24 24.30
CA ASN C 146 -14.47 -15.11 24.11
C ASN C 146 -13.03 -15.54 24.40
N GLY C 147 -12.10 -14.81 23.79
CA GLY C 147 -10.69 -14.86 24.11
C GLY C 147 -10.04 -16.23 24.21
N PRO C 148 -10.06 -17.02 23.13
CA PRO C 148 -9.21 -18.21 23.09
C PRO C 148 -7.77 -17.82 22.85
N CYS C 149 -6.86 -18.44 23.58
CA CYS C 149 -5.44 -18.14 23.40
C CYS C 149 -4.61 -19.26 24.02
N VAL C 150 -3.35 -19.32 23.60
CA VAL C 150 -2.42 -20.36 24.02
CA VAL C 150 -2.43 -20.37 24.01
C VAL C 150 -1.16 -19.74 24.56
N SER C 151 -0.57 -20.39 25.56
CA SER C 151 0.68 -19.94 26.14
C SER C 151 1.82 -20.12 25.15
N PRO C 152 2.91 -19.36 25.30
CA PRO C 152 4.05 -19.51 24.37
C PRO C 152 4.63 -20.92 24.33
N ASP C 153 4.56 -21.68 25.42
CA ASP C 153 5.06 -23.05 25.39
C ASP C 153 4.04 -24.03 24.81
N GLY C 154 2.84 -23.57 24.49
CA GLY C 154 1.83 -24.42 23.87
C GLY C 154 1.18 -25.44 24.77
N LYS C 155 1.46 -25.42 26.07
CA LYS C 155 0.92 -26.41 26.98
C LYS C 155 -0.37 -25.99 27.67
N THR C 156 -0.71 -24.70 27.64
CA THR C 156 -1.91 -24.20 28.30
C THR C 156 -2.78 -23.45 27.31
N PHE C 157 -4.09 -23.68 27.42
CA PHE C 157 -5.09 -23.03 26.58
C PHE C 157 -6.09 -22.32 27.48
N TYR C 158 -6.46 -21.10 27.12
CA TYR C 158 -7.37 -20.28 27.91
C TYR C 158 -8.65 -20.01 27.12
N HIS C 159 -9.77 -19.96 27.82
CA HIS C 159 -11.05 -19.67 27.20
C HIS C 159 -11.95 -18.99 28.22
N THR C 160 -12.80 -18.09 27.73
CA THR C 160 -13.59 -17.21 28.58
C THR C 160 -15.07 -17.44 28.34
N ASP C 161 -15.82 -17.62 29.43
CA ASP C 161 -17.28 -17.50 29.44
C ASP C 161 -17.60 -16.09 29.92
N THR C 162 -18.00 -15.23 29.00
CA THR C 162 -18.11 -13.80 29.31
C THR C 162 -19.21 -13.54 30.35
N LEU C 163 -20.42 -14.06 30.09
CA LEU C 163 -21.53 -13.74 30.98
C LEU C 163 -21.37 -14.36 32.36
N GLU C 164 -20.66 -15.49 32.46
CA GLU C 164 -20.34 -16.05 33.76
C GLU C 164 -19.10 -15.41 34.38
N LYS C 165 -18.43 -14.51 33.65
CA LYS C 165 -17.26 -13.77 34.16
C LYS C 165 -16.14 -14.72 34.58
N THR C 166 -15.94 -15.80 33.82
CA THR C 166 -14.98 -16.83 34.15
C THR C 166 -14.03 -17.07 32.98
N ILE C 167 -12.75 -17.20 33.30
CA ILE C 167 -11.73 -17.59 32.34
C ILE C 167 -11.20 -18.95 32.77
N TYR C 168 -11.29 -19.93 31.87
CA TYR C 168 -10.83 -21.28 32.15
C TYR C 168 -9.46 -21.52 31.54
N ALA C 169 -8.71 -22.43 32.16
CA ALA C 169 -7.44 -22.91 31.63
C ALA C 169 -7.56 -24.40 31.34
N PHE C 170 -6.99 -24.82 30.22
CA PHE C 170 -6.97 -26.23 29.83
C PHE C 170 -5.53 -26.68 29.62
N ASP C 171 -5.32 -27.99 29.78
CA ASP C 171 -4.08 -28.60 29.31
C ASP C 171 -4.22 -28.85 27.81
N LEU C 172 -3.29 -28.34 27.03
CA LEU C 172 -3.29 -28.50 25.58
C LEU C 172 -2.15 -29.44 25.22
N ALA C 173 -2.50 -30.59 24.67
CA ALA C 173 -1.50 -31.58 24.28
C ALA C 173 -1.03 -31.31 22.85
N GLU C 174 0.16 -31.84 22.53
CA GLU C 174 0.67 -31.74 21.16
C GLU C 174 -0.32 -32.37 20.20
N ASP C 175 -1.06 -33.37 20.66
CA ASP C 175 -2.13 -33.98 19.89
C ASP C 175 -3.21 -32.95 19.52
N GLY C 176 -3.34 -31.89 20.31
CA GLY C 176 -4.32 -30.86 20.04
C GLY C 176 -5.59 -30.99 20.83
N LEU C 177 -5.63 -31.88 21.82
CA LEU C 177 -6.80 -32.10 22.66
C LEU C 177 -6.70 -31.30 23.95
N LEU C 178 -7.84 -30.90 24.48
CA LEU C 178 -7.93 -30.16 25.72
C LEU C 178 -8.29 -31.10 26.86
N SER C 179 -7.71 -30.86 28.04
CA SER C 179 -7.97 -31.69 29.21
C SER C 179 -7.71 -30.86 30.46
N ASN C 180 -8.17 -31.38 31.59
CA ASN C 180 -7.97 -30.77 32.91
C ASN C 180 -8.50 -29.33 32.92
N LYS C 181 -9.78 -29.19 32.61
CA LYS C 181 -10.43 -27.89 32.65
C LYS C 181 -10.53 -27.40 34.09
N ARG C 182 -10.14 -26.15 34.33
CA ARG C 182 -10.19 -25.56 35.65
C ARG C 182 -10.38 -24.06 35.51
N VAL C 183 -10.86 -23.44 36.58
CA VAL C 183 -11.04 -21.99 36.62
C VAL C 183 -9.68 -21.33 36.75
N PHE C 184 -9.37 -20.42 35.82
CA PHE C 184 -8.14 -19.64 35.93
C PHE C 184 -8.35 -18.41 36.80
N VAL C 185 -9.35 -17.59 36.46
CA VAL C 185 -9.69 -16.39 37.23
C VAL C 185 -11.20 -16.23 37.21
N GLN C 186 -11.78 -15.85 38.34
CA GLN C 186 -13.20 -15.55 38.45
C GLN C 186 -13.38 -14.07 38.77
N PHE C 187 -14.14 -13.38 37.93
CA PHE C 187 -14.39 -11.95 38.06
C PHE C 187 -15.58 -11.71 38.98
N ALA C 188 -15.41 -10.84 39.98
CA ALA C 188 -16.49 -10.44 40.87
C ALA C 188 -17.80 -10.27 40.12
N LEU C 189 -18.87 -10.84 40.66
CA LEU C 189 -20.14 -10.94 39.96
C LEU C 189 -21.10 -9.80 40.25
N GLY C 190 -20.83 -8.95 41.25
CA GLY C 190 -21.76 -7.90 41.58
C GLY C 190 -21.81 -6.78 40.56
N ASP C 191 -20.66 -6.29 40.14
CA ASP C 191 -20.55 -5.18 39.21
C ASP C 191 -21.03 -5.56 37.81
N ASP C 192 -20.86 -4.62 36.87
CA ASP C 192 -21.22 -4.78 35.47
C ASP C 192 -19.98 -4.84 34.57
N VAL C 193 -18.89 -5.38 35.12
CA VAL C 193 -17.64 -5.54 34.39
C VAL C 193 -17.52 -7.00 33.95
N TYR C 194 -17.41 -7.22 32.64
CA TYR C 194 -17.33 -8.57 32.10
C TYR C 194 -16.05 -8.74 31.29
N PRO C 195 -15.41 -9.91 31.39
CA PRO C 195 -14.22 -10.17 30.56
C PRO C 195 -14.60 -10.43 29.12
N ASP C 196 -13.94 -9.73 28.20
CA ASP C 196 -14.16 -9.95 26.77
C ASP C 196 -13.03 -10.78 26.18
N GLY C 197 -12.24 -10.19 25.29
CA GLY C 197 -11.17 -10.91 24.63
C GLY C 197 -9.87 -10.91 25.41
N SER C 198 -9.05 -11.94 25.18
CA SER C 198 -7.79 -12.10 25.88
C SER C 198 -6.71 -12.59 24.93
N VAL C 199 -5.46 -12.26 25.25
CA VAL C 199 -4.28 -12.81 24.60
C VAL C 199 -3.24 -13.12 25.67
N VAL C 200 -2.22 -13.88 25.28
CA VAL C 200 -1.11 -14.23 26.17
C VAL C 200 0.16 -13.62 25.59
N ASP C 201 0.95 -12.97 26.44
CA ASP C 201 2.17 -12.31 25.98
C ASP C 201 3.33 -13.30 25.99
N SER C 202 4.52 -12.80 25.65
CA SER C 202 5.69 -13.65 25.52
C SER C 202 6.12 -14.28 26.85
N GLU C 203 5.72 -13.69 27.97
CA GLU C 203 6.09 -14.21 29.29
C GLU C 203 5.05 -15.16 29.86
N GLY C 204 3.97 -15.42 29.13
CA GLY C 204 2.92 -16.29 29.63
C GLY C 204 1.83 -15.59 30.41
N TYR C 205 1.85 -14.26 30.45
CA TYR C 205 0.84 -13.49 31.17
C TYR C 205 -0.37 -13.27 30.29
N LEU C 206 -1.55 -13.29 30.90
CA LEU C 206 -2.81 -13.14 30.18
C LEU C 206 -3.27 -11.70 30.30
N TRP C 207 -3.47 -11.05 29.15
CA TRP C 207 -4.05 -9.71 29.09
C TRP C 207 -5.53 -9.86 28.72
N THR C 208 -6.41 -9.34 29.57
CA THR C 208 -7.85 -9.49 29.39
C THR C 208 -8.48 -8.10 29.31
N ALA C 209 -9.20 -7.85 28.22
CA ALA C 209 -9.94 -6.61 28.06
C ALA C 209 -11.27 -6.69 28.78
N LEU C 210 -11.68 -5.58 29.40
CA LEU C 210 -12.85 -5.55 30.26
C LEU C 210 -14.01 -4.84 29.57
N TRP C 211 -15.10 -5.56 29.34
CA TRP C 211 -16.34 -4.94 28.93
C TRP C 211 -16.96 -4.23 30.13
N GLY C 212 -17.18 -2.92 29.99
CA GLY C 212 -17.69 -2.14 31.11
C GLY C 212 -16.68 -1.88 32.20
N GLY C 213 -15.40 -2.22 31.99
CA GLY C 213 -14.38 -2.03 32.99
C GLY C 213 -13.36 -0.97 32.67
N PHE C 214 -13.53 -0.20 31.59
CA PHE C 214 -12.71 0.98 31.30
C PHE C 214 -11.23 0.64 31.20
N GLY C 215 -10.91 -0.54 30.68
CA GLY C 215 -9.50 -0.87 30.50
C GLY C 215 -9.30 -2.37 30.35
N ALA C 216 -8.14 -2.83 30.81
CA ALA C 216 -7.72 -4.21 30.66
C ALA C 216 -6.82 -4.59 31.84
N VAL C 217 -6.77 -5.89 32.11
CA VAL C 217 -6.04 -6.43 33.26
C VAL C 217 -5.02 -7.45 32.76
N ARG C 218 -3.84 -7.45 33.38
CA ARG C 218 -2.79 -8.44 33.11
C ARG C 218 -2.72 -9.44 34.26
N PHE C 219 -2.79 -10.72 33.92
CA PHE C 219 -2.77 -11.80 34.91
C PHE C 219 -1.49 -12.60 34.79
N SER C 220 -0.86 -12.87 35.93
CA SER C 220 0.25 -13.81 35.96
C SER C 220 -0.25 -15.22 35.65
N PRO C 221 0.65 -16.12 35.25
CA PRO C 221 0.23 -17.52 35.05
C PRO C 221 -0.31 -18.17 36.32
N GLN C 222 -0.13 -17.55 37.48
CA GLN C 222 -0.68 -18.05 38.73
C GLN C 222 -2.11 -17.57 38.97
N GLY C 223 -2.64 -16.68 38.13
CA GLY C 223 -4.00 -16.21 38.27
C GLY C 223 -4.19 -14.94 39.06
N ASP C 224 -3.12 -14.19 39.31
CA ASP C 224 -3.17 -12.95 40.07
C ASP C 224 -3.15 -11.74 39.14
N ALA C 225 -4.04 -10.79 39.37
CA ALA C 225 -4.00 -9.55 38.61
C ALA C 225 -2.81 -8.73 39.08
N VAL C 226 -1.95 -8.34 38.12
CA VAL C 226 -0.73 -7.62 38.46
C VAL C 226 -0.68 -6.21 37.88
N THR C 227 -1.44 -5.90 36.84
CA THR C 227 -1.40 -4.59 36.21
C THR C 227 -2.76 -4.31 35.61
N ARG C 228 -3.15 -3.03 35.63
CA ARG C 228 -4.36 -2.60 34.96
C ARG C 228 -4.08 -1.34 34.15
N ILE C 229 -4.44 -1.38 32.87
CA ILE C 229 -4.34 -0.23 31.98
C ILE C 229 -5.72 0.41 31.88
N GLU C 230 -5.77 1.73 32.00
CA GLU C 230 -7.03 2.46 31.95
C GLU C 230 -7.20 3.13 30.59
N LEU C 231 -8.42 3.05 30.05
CA LEU C 231 -8.74 3.68 28.79
C LEU C 231 -9.96 4.57 28.95
N PRO C 232 -10.02 5.69 28.21
CA PRO C 232 -11.22 6.54 28.19
C PRO C 232 -12.34 5.95 27.36
N ALA C 233 -12.67 4.70 27.62
CA ALA C 233 -13.68 3.95 26.87
C ALA C 233 -14.30 2.90 27.79
N PRO C 234 -15.61 2.94 28.01
CA PRO C 234 -16.22 1.99 28.96
C PRO C 234 -16.05 0.54 28.54
N ASN C 235 -16.24 0.23 27.26
CA ASN C 235 -16.21 -1.16 26.78
C ASN C 235 -14.93 -1.38 25.97
N VAL C 236 -14.00 -2.14 26.55
CA VAL C 236 -12.79 -2.57 25.85
C VAL C 236 -12.96 -4.04 25.48
N THR C 237 -12.71 -4.37 24.21
CA THR C 237 -13.07 -5.67 23.68
C THR C 237 -11.90 -6.65 23.55
N LYS C 238 -10.72 -6.20 23.11
CA LYS C 238 -9.62 -7.15 22.95
C LYS C 238 -8.29 -6.43 22.87
N PRO C 239 -7.24 -6.98 23.46
CA PRO C 239 -5.89 -6.45 23.22
C PRO C 239 -5.19 -7.18 22.08
N CYS C 240 -4.17 -6.51 21.54
CA CYS C 240 -3.38 -7.09 20.45
C CYS C 240 -2.00 -6.45 20.47
N PHE C 241 -0.96 -7.27 20.58
CA PHE C 241 0.41 -6.78 20.57
C PHE C 241 0.87 -6.52 19.15
N GLY C 242 1.41 -5.31 18.91
CA GLY C 242 1.94 -4.95 17.61
C GLY C 242 3.16 -4.07 17.71
N GLY C 243 3.52 -3.41 16.62
CA GLY C 243 4.72 -2.60 16.60
C GLY C 243 5.93 -3.40 16.20
N PRO C 244 7.06 -2.73 15.97
CA PRO C 244 8.23 -3.42 15.42
C PRO C 244 8.80 -4.48 16.33
N ASP C 245 8.63 -4.33 17.64
CA ASP C 245 9.14 -5.28 18.63
C ASP C 245 8.04 -6.05 19.35
N LEU C 246 6.78 -5.90 18.90
CA LEU C 246 5.62 -6.49 19.56
C LEU C 246 5.43 -5.94 20.97
N LYS C 247 5.87 -4.71 21.20
CA LYS C 247 5.74 -4.06 22.49
C LYS C 247 4.77 -2.88 22.47
N THR C 248 3.99 -2.74 21.40
CA THR C 248 2.89 -1.78 21.35
C THR C 248 1.59 -2.54 21.54
N LEU C 249 0.93 -2.32 22.67
CA LEU C 249 -0.31 -3.03 23.00
C LEU C 249 -1.48 -2.23 22.44
N TYR C 250 -2.15 -2.79 21.44
CA TYR C 250 -3.34 -2.17 20.88
C TYR C 250 -4.60 -2.68 21.57
N PHE C 251 -5.67 -1.89 21.47
CA PHE C 251 -6.95 -2.25 22.05
C PHE C 251 -8.07 -1.80 21.11
N THR C 252 -9.00 -2.71 20.84
CA THR C 252 -10.26 -2.34 20.21
C THR C 252 -11.30 -2.06 21.30
N THR C 253 -12.22 -1.15 21.00
CA THR C 253 -13.27 -0.79 21.94
C THR C 253 -14.60 -0.71 21.20
N ALA C 254 -15.68 -0.53 21.96
CA ALA C 254 -17.02 -0.58 21.40
C ALA C 254 -17.92 0.49 21.99
N ARG C 255 -18.78 1.08 21.15
CA ARG C 255 -19.84 1.97 21.59
C ARG C 255 -21.16 1.25 21.84
N LYS C 256 -21.27 -0.02 21.44
CA LYS C 256 -22.50 -0.76 21.61
C LYS C 256 -22.91 -0.82 23.07
N GLY C 257 -24.19 -0.55 23.34
CA GLY C 257 -24.71 -0.63 24.69
C GLY C 257 -24.51 0.59 25.55
N LEU C 258 -23.87 1.63 25.04
CA LEU C 258 -23.58 2.83 25.82
C LEU C 258 -24.62 3.91 25.51
N SER C 259 -25.10 4.56 26.57
CA SER C 259 -26.08 5.63 26.43
C SER C 259 -25.43 6.88 25.85
N ASP C 260 -26.27 7.84 25.48
CA ASP C 260 -25.77 9.09 24.91
C ASP C 260 -24.97 9.90 25.91
N GLU C 261 -25.34 9.87 27.20
CA GLU C 261 -24.58 10.61 28.19
C GLU C 261 -23.19 10.01 28.40
N THR C 262 -23.10 8.68 28.46
CA THR C 262 -21.80 8.03 28.58
C THR C 262 -20.94 8.30 27.34
N LEU C 263 -21.55 8.29 26.16
CA LEU C 263 -20.80 8.57 24.94
C LEU C 263 -20.36 10.02 24.89
N ALA C 264 -21.16 10.94 25.45
CA ALA C 264 -20.74 12.32 25.56
C ALA C 264 -19.58 12.48 26.53
N GLN C 265 -19.55 11.67 27.59
CA GLN C 265 -18.44 11.73 28.53
C GLN C 265 -17.20 11.01 28.01
N TYR C 266 -17.37 9.99 27.17
CA TYR C 266 -16.27 9.24 26.60
C TYR C 266 -16.38 9.21 25.08
N PRO C 267 -16.09 10.34 24.41
CA PRO C 267 -16.29 10.40 22.96
C PRO C 267 -15.37 9.50 22.16
N LEU C 268 -14.25 9.08 22.73
CA LEU C 268 -13.33 8.17 22.04
C LEU C 268 -13.78 6.72 22.08
N ALA C 269 -14.90 6.41 22.74
CA ALA C 269 -15.39 5.05 22.79
C ALA C 269 -15.59 4.51 21.38
N GLY C 270 -15.25 3.23 21.19
CA GLY C 270 -15.27 2.62 19.88
C GLY C 270 -14.02 2.82 19.05
N GLY C 271 -13.04 3.56 19.57
CA GLY C 271 -11.80 3.80 18.85
C GLY C 271 -10.74 2.74 19.14
N VAL C 272 -9.63 2.87 18.41
CA VAL C 272 -8.48 1.99 18.58
C VAL C 272 -7.43 2.72 19.41
N PHE C 273 -6.95 2.06 20.46
CA PHE C 273 -5.99 2.65 21.37
C PHE C 273 -4.69 1.87 21.33
N ALA C 274 -3.61 2.54 21.71
CA ALA C 274 -2.28 1.94 21.74
C ALA C 274 -1.53 2.47 22.94
N VAL C 275 -0.77 1.60 23.60
CA VAL C 275 0.07 1.99 24.72
C VAL C 275 1.34 1.14 24.67
N PRO C 276 2.52 1.74 24.83
CA PRO C 276 3.74 0.93 24.91
C PRO C 276 3.83 0.21 26.24
N VAL C 277 4.24 -1.06 26.19
CA VAL C 277 4.39 -1.89 27.37
C VAL C 277 5.81 -2.46 27.39
N ASP C 278 6.18 -3.00 28.54
CA ASP C 278 7.54 -3.49 28.74
C ASP C 278 7.74 -4.92 28.26
N VAL C 279 6.68 -5.73 28.22
CA VAL C 279 6.76 -7.12 27.81
CA VAL C 279 6.76 -7.12 27.81
CA VAL C 279 6.76 -7.12 27.82
C VAL C 279 6.24 -7.26 26.40
N ALA C 280 6.97 -8.00 25.57
CA ALA C 280 6.53 -8.23 24.19
C ALA C 280 5.44 -9.29 24.15
N GLY C 281 4.61 -9.21 23.12
CA GLY C 281 3.58 -10.20 22.90
C GLY C 281 4.08 -11.38 22.10
N GLN C 282 3.14 -12.23 21.72
CA GLN C 282 3.52 -13.37 20.89
C GLN C 282 3.31 -13.04 19.41
N PRO C 283 4.19 -13.52 18.54
CA PRO C 283 3.97 -13.31 17.10
C PRO C 283 2.73 -14.06 16.62
N GLN C 284 2.08 -13.47 15.62
CA GLN C 284 0.85 -14.03 15.06
C GLN C 284 1.16 -15.25 14.21
N HIS C 285 0.36 -16.30 14.40
CA HIS C 285 0.45 -17.52 13.61
C HIS C 285 -0.55 -17.49 12.46
N GLU C 286 -0.28 -18.31 11.44
CA GLU C 286 -1.11 -18.36 10.24
C GLU C 286 -1.82 -19.70 10.15
N VAL C 287 -3.05 -19.67 9.64
CA VAL C 287 -3.87 -20.88 9.55
C VAL C 287 -3.35 -21.77 8.44
N ARG C 288 -3.20 -23.06 8.73
CA ARG C 288 -2.83 -24.04 7.73
C ARG C 288 -4.09 -24.63 7.12
N LEU C 289 -4.33 -24.34 5.85
CA LEU C 289 -5.36 -25.00 5.06
C LEU C 289 -4.82 -26.13 4.21
N VAL C 290 -3.49 -26.28 4.16
CA VAL C 290 -2.85 -27.32 3.38
C VAL C 290 -1.74 -27.97 4.21
N GLN D 5 -25.28 -27.20 -2.58
CA GLN D 5 -24.35 -26.35 -3.31
C GLN D 5 -23.34 -27.19 -4.09
N VAL D 6 -22.11 -27.31 -3.59
CA VAL D 6 -21.08 -28.03 -4.31
C VAL D 6 -21.26 -29.53 -4.10
N THR D 7 -21.36 -30.27 -5.20
CA THR D 7 -21.50 -31.72 -5.20
C THR D 7 -20.32 -32.36 -5.92
N CYS D 8 -19.75 -33.41 -5.34
CA CYS D 8 -18.77 -34.22 -6.04
C CYS D 8 -19.53 -35.32 -6.77
N VAL D 9 -19.58 -35.24 -8.11
CA VAL D 9 -20.32 -36.21 -8.89
C VAL D 9 -19.52 -37.45 -9.24
N TRP D 10 -18.20 -37.41 -9.11
CA TRP D 10 -17.35 -38.55 -9.45
C TRP D 10 -16.09 -38.48 -8.61
N ASP D 11 -16.00 -39.33 -7.59
CA ASP D 11 -14.82 -39.42 -6.73
C ASP D 11 -13.73 -40.17 -7.50
N LEU D 12 -13.28 -39.53 -8.59
CA LEU D 12 -12.38 -40.16 -9.55
C LEU D 12 -10.94 -40.22 -9.06
N LYS D 13 -10.52 -39.24 -8.24
CA LYS D 13 -9.13 -39.14 -7.78
C LYS D 13 -8.15 -39.10 -8.96
N ALA D 14 -8.47 -38.26 -9.94
CA ALA D 14 -7.62 -38.12 -11.11
C ALA D 14 -6.32 -37.42 -10.76
N THR D 15 -5.22 -37.84 -11.39
CA THR D 15 -3.95 -37.17 -11.17
C THR D 15 -3.98 -35.75 -11.73
N LEU D 16 -4.46 -35.58 -12.97
CA LEU D 16 -4.56 -34.27 -13.61
C LEU D 16 -5.82 -34.27 -14.47
N GLY D 17 -6.97 -34.10 -13.81
CA GLY D 17 -8.22 -33.93 -14.55
C GLY D 17 -8.22 -32.59 -15.25
N GLU D 18 -8.52 -32.60 -16.54
CA GLU D 18 -8.39 -31.40 -17.35
C GLU D 18 -9.33 -31.47 -18.55
N GLY D 19 -9.39 -30.35 -19.27
CA GLY D 19 -10.11 -30.23 -20.52
C GLY D 19 -11.53 -30.79 -20.56
N PRO D 20 -12.39 -30.37 -19.63
CA PRO D 20 -13.79 -30.82 -19.70
C PRO D 20 -14.57 -30.05 -20.76
N ILE D 21 -15.41 -30.78 -21.49
CA ILE D 21 -16.34 -30.18 -22.45
C ILE D 21 -17.70 -30.84 -22.27
N TRP D 22 -18.75 -30.11 -22.63
CA TRP D 22 -20.12 -30.62 -22.59
C TRP D 22 -20.58 -30.87 -24.02
N HIS D 23 -20.71 -32.14 -24.39
CA HIS D 23 -21.11 -32.52 -25.74
C HIS D 23 -22.00 -33.75 -25.68
N GLY D 24 -23.03 -33.76 -26.52
CA GLY D 24 -23.98 -34.87 -26.54
C GLY D 24 -24.70 -35.08 -25.23
N ASP D 25 -24.98 -34.01 -24.50
CA ASP D 25 -25.63 -34.07 -23.18
C ASP D 25 -24.85 -34.94 -22.20
N THR D 26 -23.54 -35.08 -22.41
CA THR D 26 -22.66 -35.73 -21.44
C THR D 26 -21.43 -34.87 -21.24
N LEU D 27 -20.69 -35.18 -20.18
CA LEU D 27 -19.47 -34.46 -19.82
C LEU D 27 -18.26 -35.31 -20.22
N TRP D 28 -17.41 -34.73 -21.08
CA TRP D 28 -16.16 -35.37 -21.48
C TRP D 28 -14.98 -34.59 -20.91
N PHE D 29 -13.96 -35.31 -20.45
CA PHE D 29 -12.75 -34.68 -19.94
C PHE D 29 -11.63 -35.71 -20.00
N VAL D 30 -10.44 -35.29 -19.54
CA VAL D 30 -9.24 -36.11 -19.63
C VAL D 30 -8.54 -36.15 -18.28
N ASP D 31 -7.75 -37.19 -18.09
CA ASP D 31 -6.71 -37.24 -17.07
C ASP D 31 -5.37 -37.29 -17.80
N ILE D 32 -4.65 -36.17 -17.77
CA ILE D 32 -3.44 -36.04 -18.58
C ILE D 32 -2.39 -37.06 -18.16
N LYS D 33 -2.10 -37.13 -16.86
CA LYS D 33 -0.96 -37.93 -16.40
C LYS D 33 -1.29 -39.41 -16.30
N GLN D 34 -2.56 -39.76 -16.12
CA GLN D 34 -2.96 -41.16 -16.18
C GLN D 34 -3.31 -41.62 -17.58
N ARG D 35 -3.25 -40.71 -18.57
CA ARG D 35 -3.47 -41.03 -19.97
C ARG D 35 -4.86 -41.67 -20.18
N LYS D 36 -5.89 -40.98 -19.71
CA LYS D 36 -7.25 -41.48 -19.78
C LYS D 36 -8.17 -40.41 -20.33
N ILE D 37 -9.19 -40.86 -21.07
CA ILE D 37 -10.31 -40.03 -21.49
C ILE D 37 -11.54 -40.52 -20.73
N HIS D 38 -12.19 -39.61 -20.02
CA HIS D 38 -13.33 -39.94 -19.18
C HIS D 38 -14.60 -39.33 -19.73
N ASN D 39 -15.73 -39.99 -19.45
CA ASN D 39 -17.04 -39.55 -19.89
C ASN D 39 -18.05 -39.80 -18.78
N TYR D 40 -18.85 -38.78 -18.45
CA TYR D 40 -19.80 -38.86 -17.35
C TYR D 40 -21.18 -38.46 -17.85
N HIS D 41 -22.17 -39.31 -17.58
CA HIS D 41 -23.54 -39.05 -18.01
C HIS D 41 -24.38 -38.62 -16.81
N PRO D 42 -24.68 -37.33 -16.65
CA PRO D 42 -25.42 -36.90 -15.45
C PRO D 42 -26.84 -37.44 -15.41
N ALA D 43 -27.46 -37.66 -16.57
CA ALA D 43 -28.85 -38.10 -16.60
C ALA D 43 -29.01 -39.54 -16.13
N THR D 44 -27.97 -40.36 -16.31
CA THR D 44 -28.03 -41.76 -15.94
C THR D 44 -26.98 -42.18 -14.93
N GLY D 45 -26.02 -41.31 -14.60
CA GLY D 45 -24.96 -41.70 -13.70
C GLY D 45 -23.92 -42.65 -14.26
N GLU D 46 -23.96 -42.93 -15.56
CA GLU D 46 -22.98 -43.80 -16.17
C GLU D 46 -21.65 -43.08 -16.35
N ARG D 47 -20.56 -43.82 -16.17
CA ARG D 47 -19.20 -43.29 -16.27
C ARG D 47 -18.38 -44.25 -17.12
N PHE D 48 -17.55 -43.70 -17.99
CA PHE D 48 -16.72 -44.51 -18.86
C PHE D 48 -15.32 -43.92 -18.91
N SER D 49 -14.33 -44.80 -19.10
CA SER D 49 -12.93 -44.40 -19.16
C SER D 49 -12.25 -45.16 -20.28
N PHE D 50 -11.40 -44.46 -21.03
CA PHE D 50 -10.67 -45.02 -22.16
C PHE D 50 -9.20 -44.71 -22.02
N ASP D 51 -8.36 -45.70 -22.34
CA ASP D 51 -6.92 -45.55 -22.24
C ASP D 51 -6.34 -44.90 -23.49
N ALA D 52 -5.39 -43.99 -23.29
CA ALA D 52 -4.72 -43.28 -24.37
C ALA D 52 -3.25 -43.70 -24.45
N PRO D 53 -2.69 -43.76 -25.66
CA PRO D 53 -1.28 -44.17 -25.80
C PRO D 53 -0.29 -43.14 -25.29
N ASP D 54 -0.73 -41.92 -25.03
CA ASP D 54 0.14 -40.88 -24.49
C ASP D 54 -0.73 -39.92 -23.68
N GLN D 55 -0.10 -38.90 -23.13
CA GLN D 55 -0.84 -37.87 -22.42
C GLN D 55 -1.85 -37.22 -23.34
N VAL D 56 -3.11 -37.19 -22.91
CA VAL D 56 -4.20 -36.58 -23.67
C VAL D 56 -4.65 -35.34 -22.91
N THR D 57 -4.73 -34.22 -23.62
CA THR D 57 -4.85 -32.92 -22.96
C THR D 57 -6.12 -32.15 -23.26
N PHE D 58 -6.76 -32.38 -24.41
CA PHE D 58 -8.02 -31.70 -24.72
C PHE D 58 -8.84 -32.57 -25.65
N LEU D 59 -10.14 -32.23 -25.74
CA LEU D 59 -11.10 -32.91 -26.59
C LEU D 59 -11.93 -31.88 -27.34
N ALA D 60 -12.20 -32.13 -28.61
CA ALA D 60 -13.01 -31.23 -29.42
C ALA D 60 -13.88 -31.98 -30.42
N PRO D 61 -15.20 -31.75 -30.42
CA PRO D 61 -16.07 -32.44 -31.38
C PRO D 61 -15.88 -31.90 -32.79
N ILE D 62 -16.09 -32.78 -33.77
CA ILE D 62 -15.92 -32.47 -35.19
C ILE D 62 -17.27 -32.24 -35.85
N VAL D 63 -17.31 -31.32 -36.81
CA VAL D 63 -18.51 -31.06 -37.58
C VAL D 63 -18.74 -32.18 -38.58
N GLY D 64 -19.96 -32.71 -38.63
CA GLY D 64 -20.35 -33.69 -39.63
C GLY D 64 -19.61 -35.02 -39.54
N ALA D 65 -18.94 -35.26 -38.42
CA ALA D 65 -18.21 -36.51 -38.22
C ALA D 65 -18.28 -36.90 -36.76
N THR D 66 -18.23 -38.20 -36.50
CA THR D 66 -18.23 -38.71 -35.13
C THR D 66 -16.81 -38.78 -34.59
N GLY D 67 -16.69 -38.67 -33.27
CA GLY D 67 -15.41 -38.71 -32.61
C GLY D 67 -14.98 -37.33 -32.16
N PHE D 68 -13.77 -37.29 -31.59
CA PHE D 68 -13.19 -36.05 -31.11
C PHE D 68 -11.85 -35.79 -31.76
N VAL D 69 -11.52 -34.51 -31.88
CA VAL D 69 -10.15 -34.08 -32.09
C VAL D 69 -9.51 -33.92 -30.72
N VAL D 70 -8.43 -34.65 -30.47
CA VAL D 70 -7.78 -34.66 -29.17
C VAL D 70 -6.32 -34.27 -29.32
N GLY D 71 -5.75 -33.78 -28.23
CA GLY D 71 -4.34 -33.45 -28.20
C GLY D 71 -3.52 -34.45 -27.42
N LEU D 72 -2.62 -35.16 -28.10
CA LEU D 72 -1.64 -36.00 -27.46
C LEU D 72 -0.29 -35.31 -27.50
N LYS D 73 0.61 -35.72 -26.60
CA LYS D 73 1.94 -35.13 -26.57
C LYS D 73 2.64 -35.25 -27.92
N THR D 74 2.27 -36.27 -28.71
CA THR D 74 2.88 -36.52 -30.01
C THR D 74 2.20 -35.76 -31.14
N GLY D 75 1.08 -35.10 -30.90
CA GLY D 75 0.42 -34.33 -31.94
C GLY D 75 -1.09 -34.37 -31.77
N ILE D 76 -1.76 -33.76 -32.75
CA ILE D 76 -3.22 -33.73 -32.78
C ILE D 76 -3.72 -35.03 -33.40
N HIS D 77 -4.60 -35.74 -32.68
CA HIS D 77 -5.11 -37.02 -33.12
C HIS D 77 -6.64 -36.98 -33.24
N ARG D 78 -7.17 -37.96 -33.95
CA ARG D 78 -8.59 -38.27 -33.92
C ARG D 78 -8.83 -39.42 -32.94
N PHE D 79 -9.88 -39.30 -32.13
CA PHE D 79 -10.25 -40.32 -31.17
C PHE D 79 -11.71 -40.72 -31.34
N HIS D 80 -11.97 -42.02 -31.38
CA HIS D 80 -13.32 -42.55 -31.26
C HIS D 80 -13.22 -43.75 -30.31
N PRO D 81 -14.12 -43.86 -29.33
CA PRO D 81 -14.03 -44.97 -28.37
C PRO D 81 -13.97 -46.35 -29.01
N ALA D 82 -14.57 -46.55 -30.18
CA ALA D 82 -14.61 -47.86 -30.81
C ALA D 82 -13.56 -48.05 -31.89
N THR D 83 -12.68 -47.08 -32.11
CA THR D 83 -11.59 -47.25 -33.07
C THR D 83 -10.24 -46.78 -32.56
N GLY D 84 -10.16 -46.15 -31.39
CA GLY D 84 -8.88 -45.69 -30.88
C GLY D 84 -8.42 -44.38 -31.47
N PHE D 85 -7.10 -44.21 -31.51
CA PHE D 85 -6.46 -42.96 -31.89
C PHE D 85 -5.73 -43.09 -33.22
N SER D 86 -5.86 -42.08 -34.06
CA SER D 86 -5.14 -42.00 -35.32
C SER D 86 -4.59 -40.59 -35.47
N LEU D 87 -3.32 -40.48 -35.84
CA LEU D 87 -2.65 -39.19 -35.93
C LEU D 87 -3.29 -38.33 -37.02
N LEU D 88 -3.65 -37.09 -36.66
CA LEU D 88 -4.16 -36.13 -37.64
C LEU D 88 -3.09 -35.19 -38.17
N LEU D 89 -2.26 -34.62 -37.30
CA LEU D 89 -1.21 -33.69 -37.74
C LEU D 89 -0.27 -33.42 -36.58
N GLU D 90 1.03 -33.39 -36.87
CA GLU D 90 2.03 -32.90 -35.93
C GLU D 90 2.12 -31.38 -36.01
N VAL D 91 2.31 -30.76 -34.85
CA VAL D 91 2.35 -29.31 -34.75
C VAL D 91 3.73 -28.79 -34.35
N GLU D 92 4.51 -29.56 -33.61
CA GLU D 92 5.81 -29.10 -33.11
C GLU D 92 6.80 -30.25 -33.16
N ASP D 93 8.09 -29.90 -33.11
CA ASP D 93 9.14 -30.89 -33.06
C ASP D 93 9.17 -31.58 -31.71
N ALA D 94 9.32 -32.91 -31.72
CA ALA D 94 9.33 -33.69 -30.50
C ALA D 94 10.54 -33.39 -29.62
N ALA D 95 11.62 -32.84 -30.20
CA ALA D 95 12.82 -32.59 -29.42
C ALA D 95 12.60 -31.52 -28.35
N LEU D 96 11.64 -30.61 -28.56
CA LEU D 96 11.34 -29.59 -27.57
C LEU D 96 10.84 -30.16 -26.26
N ASN D 97 10.41 -31.43 -26.25
CA ASN D 97 9.72 -32.03 -25.11
C ASN D 97 8.49 -31.20 -24.72
N ASN D 98 7.77 -30.73 -25.73
CA ASN D 98 6.53 -30.02 -25.52
C ASN D 98 5.35 -30.98 -25.58
N ARG D 99 4.19 -30.49 -25.14
CA ARG D 99 2.95 -31.22 -25.26
C ARG D 99 1.83 -30.20 -25.37
N PRO D 100 0.71 -30.55 -26.03
CA PRO D 100 -0.45 -29.65 -26.03
C PRO D 100 -1.00 -29.52 -24.62
N ASN D 101 -1.94 -28.58 -24.47
CA ASN D 101 -2.58 -28.39 -23.18
C ASN D 101 -4.06 -28.09 -23.36
N ASP D 102 -4.47 -26.86 -23.10
CA ASP D 102 -5.87 -26.47 -23.13
C ASP D 102 -6.29 -26.11 -24.56
N ALA D 103 -7.59 -26.07 -24.78
CA ALA D 103 -8.11 -25.78 -26.12
C ALA D 103 -9.53 -25.25 -26.01
N THR D 104 -10.00 -24.69 -27.12
CA THR D 104 -11.38 -24.22 -27.24
C THR D 104 -11.74 -24.20 -28.72
N VAL D 105 -13.04 -24.12 -28.99
CA VAL D 105 -13.56 -24.03 -30.36
C VAL D 105 -14.44 -22.78 -30.44
N ASP D 106 -14.11 -21.88 -31.36
CA ASP D 106 -14.87 -20.65 -31.50
C ASP D 106 -16.11 -20.89 -32.36
N ALA D 107 -16.91 -19.83 -32.54
CA ALA D 107 -18.14 -19.93 -33.31
C ALA D 107 -17.91 -20.21 -34.78
N GLN D 108 -16.67 -20.08 -35.27
CA GLN D 108 -16.35 -20.34 -36.66
C GLN D 108 -15.78 -21.74 -36.88
N GLY D 109 -15.79 -22.59 -35.86
CA GLY D 109 -15.25 -23.93 -36.01
C GLY D 109 -13.75 -24.03 -35.95
N ARG D 110 -13.06 -22.96 -35.54
CA ARG D 110 -11.61 -23.01 -35.40
C ARG D 110 -11.23 -23.63 -34.08
N LEU D 111 -10.13 -24.38 -34.08
CA LEU D 111 -9.60 -24.98 -32.85
C LEU D 111 -8.44 -24.13 -32.37
N TRP D 112 -8.63 -23.46 -31.23
CA TRP D 112 -7.56 -22.72 -30.57
C TRP D 112 -7.01 -23.60 -29.47
N PHE D 113 -5.72 -23.92 -29.55
CA PHE D 113 -5.08 -24.76 -28.54
C PHE D 113 -3.67 -24.26 -28.28
N GLY D 114 -3.18 -24.51 -27.07
CA GLY D 114 -1.84 -24.10 -26.69
C GLY D 114 -0.92 -25.28 -26.47
N THR D 115 0.38 -25.02 -26.47
CA THR D 115 1.38 -26.01 -26.10
C THR D 115 2.17 -25.51 -24.91
N MET D 116 2.97 -26.40 -24.33
CA MET D 116 3.70 -26.10 -23.11
C MET D 116 4.87 -27.05 -23.01
N HIS D 117 5.89 -26.64 -22.26
CA HIS D 117 6.97 -27.54 -21.92
C HIS D 117 6.47 -28.60 -20.94
N ASP D 118 6.57 -29.87 -21.34
CA ASP D 118 6.11 -30.95 -20.45
C ASP D 118 6.86 -30.95 -19.13
N GLY D 119 8.11 -30.47 -19.13
CA GLY D 119 8.85 -30.30 -17.90
C GLY D 119 8.49 -29.07 -17.10
N GLU D 120 7.69 -28.17 -17.69
CA GLU D 120 7.20 -26.97 -17.00
C GLU D 120 8.36 -26.10 -16.53
N GLU D 121 9.34 -25.91 -17.41
CA GLU D 121 10.52 -25.12 -17.08
C GLU D 121 10.91 -24.17 -18.19
N ASN D 122 10.85 -24.65 -19.44
CA ASN D 122 11.21 -23.81 -20.57
C ASN D 122 10.01 -23.02 -21.07
N ASN D 123 10.27 -21.81 -21.55
CA ASN D 123 9.23 -20.97 -22.16
C ASN D 123 9.11 -21.29 -23.65
N SER D 124 8.78 -22.56 -23.93
CA SER D 124 8.76 -23.08 -25.28
C SER D 124 7.36 -23.35 -25.82
N GLY D 125 6.31 -23.06 -25.05
CA GLY D 125 4.97 -23.28 -25.51
C GLY D 125 4.43 -22.12 -26.34
N SER D 126 3.40 -22.42 -27.14
CA SER D 126 2.86 -21.44 -28.07
C SER D 126 1.34 -21.53 -28.08
N LEU D 127 0.72 -20.53 -28.68
CA LEU D 127 -0.73 -20.53 -28.93
C LEU D 127 -0.96 -20.74 -30.42
N TYR D 128 -1.85 -21.66 -30.75
CA TYR D 128 -2.08 -22.04 -32.13
C TYR D 128 -3.56 -21.89 -32.49
N ARG D 129 -3.79 -21.54 -33.75
CA ARG D 129 -5.15 -21.47 -34.30
C ARG D 129 -5.20 -22.41 -35.49
N MET D 130 -6.06 -23.42 -35.38
CA MET D 130 -6.20 -24.46 -36.41
C MET D 130 -7.54 -24.31 -37.08
N ASP D 131 -7.53 -24.04 -38.38
CA ASP D 131 -8.76 -23.88 -39.15
C ASP D 131 -8.56 -24.47 -40.54
N LEU D 132 -9.44 -24.12 -41.48
CA LEU D 132 -9.39 -24.70 -42.81
C LEU D 132 -8.11 -24.32 -43.55
N THR D 133 -7.56 -23.13 -43.28
CA THR D 133 -6.32 -22.70 -43.91
C THR D 133 -5.09 -23.36 -43.31
N GLY D 134 -5.24 -24.13 -42.23
CA GLY D 134 -4.11 -24.77 -41.60
C GLY D 134 -3.91 -24.34 -40.16
N VAL D 135 -2.70 -24.51 -39.64
CA VAL D 135 -2.38 -24.19 -38.26
C VAL D 135 -1.43 -23.00 -38.24
N ALA D 136 -1.83 -21.94 -37.55
CA ALA D 136 -1.03 -20.72 -37.45
C ALA D 136 -0.65 -20.49 -35.99
N ARG D 137 0.61 -20.08 -35.78
CA ARG D 137 1.13 -19.80 -34.44
C ARG D 137 0.79 -18.37 -34.06
N MET D 138 -0.07 -18.21 -33.05
CA MET D 138 -0.59 -16.90 -32.67
C MET D 138 0.15 -16.25 -31.51
N ASP D 139 0.82 -17.02 -30.67
CA ASP D 139 1.65 -16.47 -29.60
C ASP D 139 2.75 -17.48 -29.29
N ARG D 140 3.76 -17.02 -28.56
CA ARG D 140 4.94 -17.84 -28.33
C ARG D 140 5.63 -17.42 -27.05
N ASP D 141 6.63 -18.21 -26.66
CA ASP D 141 7.50 -17.93 -25.50
C ASP D 141 6.71 -17.94 -24.20
N ILE D 142 5.84 -18.92 -24.04
CA ILE D 142 5.04 -19.10 -22.83
C ILE D 142 5.32 -20.49 -22.28
N CYS D 143 5.70 -20.57 -21.01
CA CYS D 143 6.02 -21.86 -20.42
C CYS D 143 4.79 -22.76 -20.33
N ILE D 144 3.71 -22.26 -19.74
CA ILE D 144 2.47 -23.01 -19.59
C ILE D 144 1.33 -22.13 -20.11
N THR D 145 0.84 -22.45 -21.31
CA THR D 145 -0.37 -21.81 -21.82
C THR D 145 -1.59 -22.45 -21.19
N ASN D 146 -2.71 -21.71 -21.23
CA ASN D 146 -3.91 -22.22 -20.57
C ASN D 146 -5.12 -21.42 -21.01
N GLY D 147 -6.29 -22.07 -20.90
CA GLY D 147 -7.59 -21.45 -20.98
C GLY D 147 -7.83 -20.46 -22.10
N PRO D 148 -7.70 -20.89 -23.36
CA PRO D 148 -8.17 -20.05 -24.46
C PRO D 148 -9.69 -20.09 -24.54
N CYS D 149 -10.29 -18.93 -24.75
CA CYS D 149 -11.75 -18.84 -24.86
C CYS D 149 -12.11 -17.52 -25.51
N VAL D 150 -13.33 -17.46 -26.06
CA VAL D 150 -13.82 -16.28 -26.76
C VAL D 150 -15.14 -15.85 -26.15
N SER D 151 -15.42 -14.56 -26.24
CA SER D 151 -16.67 -14.01 -25.74
C SER D 151 -17.82 -14.42 -26.64
N PRO D 152 -19.06 -14.40 -26.12
CA PRO D 152 -20.21 -14.77 -26.96
C PRO D 152 -20.36 -13.91 -28.20
N ASP D 153 -19.92 -12.65 -28.17
CA ASP D 153 -20.00 -11.82 -29.36
C ASP D 153 -18.84 -12.05 -30.32
N GLY D 154 -17.87 -12.89 -29.97
CA GLY D 154 -16.77 -13.22 -30.85
C GLY D 154 -15.74 -12.13 -31.05
N LYS D 155 -15.84 -11.03 -30.31
CA LYS D 155 -14.94 -9.89 -30.48
C LYS D 155 -13.74 -9.90 -29.54
N THR D 156 -13.77 -10.72 -28.48
CA THR D 156 -12.69 -10.76 -27.50
C THR D 156 -12.17 -12.17 -27.33
N PHE D 157 -10.85 -12.32 -27.23
CA PHE D 157 -10.18 -13.59 -27.03
C PHE D 157 -9.30 -13.51 -25.78
N TYR D 158 -9.36 -14.55 -24.95
CA TYR D 158 -8.61 -14.60 -23.70
C TYR D 158 -7.62 -15.76 -23.72
N HIS D 159 -6.47 -15.54 -23.09
CA HIS D 159 -5.42 -16.55 -23.02
C HIS D 159 -4.62 -16.33 -21.74
N THR D 160 -4.11 -17.43 -21.18
CA THR D 160 -3.50 -17.43 -19.86
C THR D 160 -2.05 -17.88 -19.94
N ASP D 161 -1.16 -17.08 -19.33
CA ASP D 161 0.19 -17.53 -18.96
C ASP D 161 0.11 -17.90 -17.48
N THR D 162 0.09 -19.20 -17.20
CA THR D 162 -0.21 -19.67 -15.85
C THR D 162 0.89 -19.27 -14.87
N LEU D 163 2.15 -19.58 -15.20
CA LEU D 163 3.24 -19.33 -14.27
C LEU D 163 3.50 -17.83 -14.06
N GLU D 164 3.16 -17.00 -15.04
CA GLU D 164 3.23 -15.56 -14.86
C GLU D 164 2.01 -15.00 -14.15
N LYS D 165 1.02 -15.84 -13.85
CA LYS D 165 -0.19 -15.45 -13.12
C LYS D 165 -0.96 -14.34 -13.85
N THR D 166 -0.97 -14.41 -15.19
CA THR D 166 -1.57 -13.37 -16.00
C THR D 166 -2.55 -13.95 -16.99
N ILE D 167 -3.70 -13.28 -17.15
CA ILE D 167 -4.67 -13.59 -18.18
C ILE D 167 -4.71 -12.39 -19.12
N TYR D 168 -4.45 -12.64 -20.40
CA TYR D 168 -4.44 -11.58 -21.41
C TYR D 168 -5.75 -11.58 -22.18
N ALA D 169 -6.13 -10.40 -22.68
CA ALA D 169 -7.25 -10.24 -23.57
C ALA D 169 -6.76 -9.72 -24.92
N PHE D 170 -7.32 -10.26 -26.00
CA PHE D 170 -7.03 -9.85 -27.35
C PHE D 170 -8.28 -9.37 -28.05
N ASP D 171 -8.11 -8.52 -29.05
CA ASP D 171 -9.18 -8.25 -30.00
C ASP D 171 -9.20 -9.36 -31.05
N LEU D 172 -10.35 -9.98 -31.24
CA LEU D 172 -10.50 -11.07 -32.20
C LEU D 172 -11.33 -10.59 -33.37
N ALA D 173 -10.72 -10.57 -34.55
CA ALA D 173 -11.40 -10.17 -35.78
C ALA D 173 -12.04 -11.39 -36.43
N GLU D 174 -13.03 -11.11 -37.29
CA GLU D 174 -13.69 -12.19 -38.03
C GLU D 174 -12.71 -12.99 -38.87
N ASP D 175 -11.69 -12.33 -39.42
CA ASP D 175 -10.64 -13.04 -40.15
C ASP D 175 -9.87 -14.02 -39.27
N GLY D 176 -9.90 -13.84 -37.95
CA GLY D 176 -9.24 -14.74 -37.04
C GLY D 176 -7.91 -14.26 -36.51
N LEU D 177 -7.59 -12.98 -36.67
CA LEU D 177 -6.32 -12.45 -36.18
C LEU D 177 -6.52 -11.81 -34.81
N LEU D 178 -5.49 -11.90 -33.98
CA LEU D 178 -5.49 -11.29 -32.66
C LEU D 178 -4.71 -9.99 -32.69
N SER D 179 -5.19 -9.00 -31.95
CA SER D 179 -4.55 -7.70 -31.90
C SER D 179 -4.89 -7.04 -30.56
N ASN D 180 -4.16 -5.98 -30.25
CA ASN D 180 -4.36 -5.20 -29.03
C ASN D 180 -4.27 -6.09 -27.80
N LYS D 181 -3.12 -6.77 -27.67
CA LYS D 181 -2.87 -7.60 -26.51
C LYS D 181 -2.77 -6.73 -25.26
N ARG D 182 -3.47 -7.11 -24.21
CA ARG D 182 -3.49 -6.34 -22.98
C ARG D 182 -3.72 -7.27 -21.80
N VAL D 183 -3.32 -6.81 -20.62
CA VAL D 183 -3.55 -7.58 -19.41
C VAL D 183 -5.03 -7.47 -19.06
N PHE D 184 -5.70 -8.62 -18.97
CA PHE D 184 -7.08 -8.66 -18.51
C PHE D 184 -7.16 -8.72 -16.98
N VAL D 185 -6.45 -9.66 -16.39
CA VAL D 185 -6.40 -9.83 -14.94
C VAL D 185 -4.98 -10.25 -14.56
N GLN D 186 -4.46 -9.65 -13.50
CA GLN D 186 -3.18 -10.05 -12.90
C GLN D 186 -3.50 -10.63 -11.53
N PHE D 187 -3.10 -11.88 -11.31
CA PHE D 187 -3.48 -12.61 -10.10
C PHE D 187 -2.49 -12.36 -8.97
N ALA D 188 -3.02 -11.90 -7.84
CA ALA D 188 -2.25 -11.73 -6.61
C ALA D 188 -3.00 -12.34 -5.44
N LEU D 189 -3.55 -13.54 -5.64
CA LEU D 189 -4.40 -14.21 -4.66
C LEU D 189 -3.63 -15.23 -3.81
N GLY D 190 -2.33 -15.04 -3.63
CA GLY D 190 -1.52 -15.98 -2.87
C GLY D 190 -0.20 -16.26 -3.54
N ASP D 191 0.74 -16.78 -2.75
CA ASP D 191 2.08 -17.05 -3.25
C ASP D 191 2.07 -18.14 -4.32
N ASP D 192 1.39 -19.25 -4.06
CA ASP D 192 1.35 -20.39 -4.95
C ASP D 192 -0.02 -20.60 -5.59
N VAL D 193 -0.77 -19.53 -5.80
CA VAL D 193 -2.06 -19.58 -6.47
C VAL D 193 -1.87 -19.11 -7.90
N TYR D 194 -2.15 -19.98 -8.86
CA TYR D 194 -1.96 -19.68 -10.27
C TYR D 194 -3.27 -19.90 -11.04
N PRO D 195 -3.54 -19.07 -12.04
CA PRO D 195 -4.73 -19.30 -12.89
C PRO D 195 -4.49 -20.47 -13.84
N ASP D 196 -5.44 -21.39 -13.88
CA ASP D 196 -5.34 -22.53 -14.79
C ASP D 196 -6.25 -22.31 -16.00
N GLY D 197 -7.27 -23.15 -16.15
CA GLY D 197 -8.15 -23.06 -17.30
C GLY D 197 -9.31 -22.09 -17.08
N SER D 198 -9.82 -21.57 -18.19
CA SER D 198 -10.88 -20.56 -18.15
C SER D 198 -11.90 -20.83 -19.25
N VAL D 199 -13.13 -20.37 -19.00
CA VAL D 199 -14.20 -20.33 -20.01
C VAL D 199 -14.92 -18.99 -19.86
N VAL D 200 -15.73 -18.66 -20.88
CA VAL D 200 -16.55 -17.46 -20.88
C VAL D 200 -18.01 -17.88 -20.91
N ASP D 201 -18.82 -17.28 -20.05
CA ASP D 201 -20.23 -17.65 -19.94
C ASP D 201 -21.05 -16.86 -20.95
N SER D 202 -22.38 -17.07 -20.92
CA SER D 202 -23.26 -16.44 -21.88
C SER D 202 -23.29 -14.93 -21.74
N GLU D 203 -22.94 -14.39 -20.57
CA GLU D 203 -22.95 -12.95 -20.34
C GLU D 203 -21.60 -12.31 -20.63
N GLY D 204 -20.61 -13.08 -21.04
CA GLY D 204 -19.29 -12.54 -21.29
C GLY D 204 -18.35 -12.55 -20.11
N TYR D 205 -18.75 -13.16 -19.00
CA TYR D 205 -17.91 -13.23 -17.81
C TYR D 205 -16.94 -14.41 -17.92
N LEU D 206 -15.74 -14.22 -17.38
CA LEU D 206 -14.69 -15.22 -17.45
C LEU D 206 -14.66 -16.01 -16.15
N TRP D 207 -14.83 -17.34 -16.27
CA TRP D 207 -14.69 -18.25 -15.14
C TRP D 207 -13.29 -18.87 -15.19
N THR D 208 -12.52 -18.69 -14.12
CA THR D 208 -11.14 -19.15 -14.06
C THR D 208 -10.95 -20.08 -12.88
N ALA D 209 -10.45 -21.29 -13.14
CA ALA D 209 -10.12 -22.23 -12.08
C ALA D 209 -8.74 -21.91 -11.51
N LEU D 210 -8.58 -22.09 -10.20
CA LEU D 210 -7.38 -21.69 -9.48
C LEU D 210 -6.55 -22.92 -9.13
N TRP D 211 -5.32 -22.97 -9.64
CA TRP D 211 -4.33 -23.93 -9.17
C TRP D 211 -3.83 -23.50 -7.79
N GLY D 212 -4.01 -24.35 -6.79
CA GLY D 212 -3.64 -23.99 -5.43
C GLY D 212 -4.57 -23.00 -4.76
N GLY D 213 -5.70 -22.67 -5.40
CA GLY D 213 -6.64 -21.71 -4.87
C GLY D 213 -7.97 -22.25 -4.39
N PHE D 214 -8.14 -23.58 -4.36
CA PHE D 214 -9.32 -24.22 -3.76
C PHE D 214 -10.63 -23.78 -4.41
N GLY D 215 -10.61 -23.50 -5.70
CA GLY D 215 -11.88 -23.14 -6.33
C GLY D 215 -11.68 -22.37 -7.62
N ALA D 216 -12.62 -21.47 -7.89
CA ALA D 216 -12.64 -20.72 -9.13
C ALA D 216 -13.25 -19.35 -8.89
N VAL D 217 -12.89 -18.41 -9.76
CA VAL D 217 -13.31 -17.02 -9.65
C VAL D 217 -14.03 -16.61 -10.93
N ARG D 218 -15.09 -15.81 -10.77
CA ARG D 218 -15.82 -15.24 -11.89
C ARG D 218 -15.44 -13.77 -12.05
N PHE D 219 -15.01 -13.39 -13.24
CA PHE D 219 -14.55 -12.04 -13.53
C PHE D 219 -15.50 -11.35 -14.50
N SER D 220 -15.86 -10.11 -14.20
CA SER D 220 -16.60 -9.29 -15.14
C SER D 220 -15.74 -9.01 -16.38
N PRO D 221 -16.36 -8.65 -17.50
CA PRO D 221 -15.57 -8.28 -18.69
C PRO D 221 -14.63 -7.10 -18.45
N GLN D 222 -14.82 -6.36 -17.36
CA GLN D 222 -13.89 -5.30 -16.98
C GLN D 222 -12.73 -5.82 -16.16
N GLY D 223 -12.75 -7.09 -15.76
CA GLY D 223 -11.66 -7.67 -15.01
C GLY D 223 -11.83 -7.66 -13.51
N ASP D 224 -13.04 -7.44 -13.02
CA ASP D 224 -13.31 -7.38 -11.59
C ASP D 224 -13.91 -8.71 -11.13
N ALA D 225 -13.36 -9.27 -10.06
CA ALA D 225 -13.89 -10.50 -9.50
C ALA D 225 -15.24 -10.24 -8.83
N VAL D 226 -16.24 -11.03 -9.21
CA VAL D 226 -17.59 -10.88 -8.67
C VAL D 226 -18.04 -12.10 -7.88
N THR D 227 -17.43 -13.26 -8.07
CA THR D 227 -17.83 -14.47 -7.38
C THR D 227 -16.61 -15.36 -7.22
N ARG D 228 -16.51 -16.05 -6.08
CA ARG D 228 -15.50 -17.08 -5.87
C ARG D 228 -16.19 -18.30 -5.28
N ILE D 229 -15.99 -19.44 -5.93
CA ILE D 229 -16.53 -20.71 -5.47
C ILE D 229 -15.43 -21.50 -4.78
N GLU D 230 -15.75 -22.08 -3.64
CA GLU D 230 -14.79 -22.89 -2.89
C GLU D 230 -15.10 -24.37 -3.10
N LEU D 231 -14.04 -25.15 -3.31
CA LEU D 231 -14.12 -26.58 -3.51
C LEU D 231 -13.21 -27.29 -2.53
N PRO D 232 -13.56 -28.51 -2.10
CA PRO D 232 -12.69 -29.31 -1.23
C PRO D 232 -11.51 -29.93 -1.97
N ALA D 233 -10.81 -29.11 -2.75
CA ALA D 233 -9.70 -29.57 -3.58
C ALA D 233 -8.72 -28.42 -3.79
N PRO D 234 -7.44 -28.59 -3.42
CA PRO D 234 -6.50 -27.47 -3.54
C PRO D 234 -6.27 -27.02 -4.98
N ASN D 235 -6.16 -27.94 -5.92
CA ASN D 235 -5.85 -27.63 -7.31
C ASN D 235 -7.08 -27.87 -8.17
N VAL D 236 -7.71 -26.79 -8.62
CA VAL D 236 -8.83 -26.85 -9.56
C VAL D 236 -8.31 -26.42 -10.93
N THR D 237 -8.61 -27.21 -11.96
CA THR D 237 -7.97 -27.06 -13.26
C THR D 237 -8.82 -26.33 -14.30
N LYS D 238 -10.11 -26.62 -14.40
CA LYS D 238 -10.89 -25.97 -15.44
C LYS D 238 -12.38 -26.04 -15.14
N PRO D 239 -13.15 -24.99 -15.41
CA PRO D 239 -14.60 -25.09 -15.34
C PRO D 239 -15.20 -25.48 -16.68
N CYS D 240 -16.43 -25.99 -16.62
CA CYS D 240 -17.16 -26.38 -17.82
C CYS D 240 -18.65 -26.31 -17.54
N PHE D 241 -19.37 -25.53 -18.32
CA PHE D 241 -20.81 -25.41 -18.17
C PHE D 241 -21.50 -26.60 -18.83
N GLY D 242 -22.38 -27.26 -18.09
CA GLY D 242 -23.13 -28.37 -18.63
C GLY D 242 -24.55 -28.41 -18.08
N GLY D 243 -25.23 -29.54 -18.23
CA GLY D 243 -26.60 -29.65 -17.81
C GLY D 243 -27.55 -29.23 -18.92
N PRO D 244 -28.86 -29.46 -18.71
CA PRO D 244 -29.81 -29.22 -19.81
C PRO D 244 -29.92 -27.76 -20.21
N ASP D 245 -29.66 -26.83 -19.30
CA ASP D 245 -29.75 -25.39 -19.59
C ASP D 245 -28.39 -24.72 -19.56
N LEU D 246 -27.30 -25.50 -19.46
CA LEU D 246 -25.95 -24.98 -19.37
C LEU D 246 -25.75 -24.13 -18.11
N LYS D 247 -26.50 -24.44 -17.06
CA LYS D 247 -26.38 -23.73 -15.78
C LYS D 247 -25.81 -24.61 -14.68
N THR D 248 -25.28 -25.78 -15.03
CA THR D 248 -24.56 -26.64 -14.10
C THR D 248 -23.07 -26.47 -14.38
N LEU D 249 -22.36 -25.84 -13.45
CA LEU D 249 -20.93 -25.56 -13.62
C LEU D 249 -20.12 -26.74 -13.09
N TYR D 250 -19.48 -27.47 -14.00
CA TYR D 250 -18.61 -28.58 -13.60
C TYR D 250 -17.17 -28.09 -13.42
N PHE D 251 -16.41 -28.84 -12.64
CA PHE D 251 -15.01 -28.52 -12.39
C PHE D 251 -14.19 -29.80 -12.36
N THR D 252 -13.08 -29.81 -13.08
CA THR D 252 -12.06 -30.83 -12.92
C THR D 252 -11.01 -30.35 -11.94
N THR D 253 -10.40 -31.29 -11.22
CA THR D 253 -9.39 -30.99 -10.23
C THR D 253 -8.23 -31.95 -10.39
N ALA D 254 -7.16 -31.73 -9.63
CA ALA D 254 -5.93 -32.49 -9.79
C ALA D 254 -5.34 -32.84 -8.43
N ARG D 255 -4.79 -34.06 -8.35
CA ARG D 255 -4.00 -34.49 -7.20
C ARG D 255 -2.51 -34.25 -7.41
N LYS D 256 -2.10 -33.90 -8.64
CA LYS D 256 -0.71 -33.66 -8.95
C LYS D 256 -0.13 -32.54 -8.11
N GLY D 257 1.07 -32.77 -7.56
CA GLY D 257 1.76 -31.77 -6.79
C GLY D 257 1.37 -31.71 -5.32
N LEU D 258 0.42 -32.52 -4.89
CA LEU D 258 -0.05 -32.53 -3.51
C LEU D 258 0.60 -33.67 -2.74
N SER D 259 0.99 -33.38 -1.51
CA SER D 259 1.63 -34.38 -0.66
C SER D 259 0.62 -35.44 -0.24
N ASP D 260 1.14 -36.54 0.33
CA ASP D 260 0.27 -37.62 0.77
C ASP D 260 -0.63 -37.18 1.93
N GLU D 261 -0.10 -36.33 2.83
CA GLU D 261 -0.92 -35.85 3.93
C GLU D 261 -2.01 -34.91 3.44
N THR D 262 -1.69 -34.01 2.51
CA THR D 262 -2.71 -33.14 1.94
C THR D 262 -3.79 -33.96 1.22
N LEU D 263 -3.38 -35.01 0.51
CA LEU D 263 -4.36 -35.85 -0.17
C LEU D 263 -5.20 -36.65 0.81
N ALA D 264 -4.63 -37.05 1.95
CA ALA D 264 -5.42 -37.70 2.98
C ALA D 264 -6.42 -36.73 3.61
N GLN D 265 -6.05 -35.44 3.72
CA GLN D 265 -6.98 -34.45 4.25
C GLN D 265 -8.02 -34.04 3.22
N TYR D 266 -7.69 -34.09 1.92
CA TYR D 266 -8.61 -33.73 0.85
C TYR D 266 -8.75 -34.93 -0.09
N PRO D 267 -9.46 -35.98 0.35
CA PRO D 267 -9.53 -37.20 -0.47
C PRO D 267 -10.31 -37.04 -1.75
N LEU D 268 -11.17 -36.03 -1.86
CA LEU D 268 -11.92 -35.79 -3.08
C LEU D 268 -11.10 -35.06 -4.15
N ALA D 269 -9.85 -34.71 -3.85
CA ALA D 269 -9.00 -34.07 -4.84
C ALA D 269 -8.87 -34.98 -6.06
N GLY D 270 -8.88 -34.38 -7.25
CA GLY D 270 -8.89 -35.12 -8.49
C GLY D 270 -10.27 -35.52 -8.97
N GLY D 271 -11.33 -35.19 -8.23
CA GLY D 271 -12.68 -35.53 -8.62
C GLY D 271 -13.33 -34.47 -9.49
N VAL D 272 -14.54 -34.79 -9.94
CA VAL D 272 -15.35 -33.86 -10.71
C VAL D 272 -16.41 -33.27 -9.80
N PHE D 273 -16.51 -31.95 -9.80
CA PHE D 273 -17.46 -31.25 -8.95
C PHE D 273 -18.46 -30.49 -9.81
N ALA D 274 -19.63 -30.22 -9.23
CA ALA D 274 -20.70 -29.52 -9.92
C ALA D 274 -21.38 -28.57 -8.95
N VAL D 275 -21.75 -27.40 -9.45
CA VAL D 275 -22.46 -26.39 -8.66
C VAL D 275 -23.49 -25.73 -9.56
N PRO D 276 -24.72 -25.54 -9.10
CA PRO D 276 -25.68 -24.78 -9.91
C PRO D 276 -25.36 -23.30 -9.87
N VAL D 277 -25.44 -22.67 -11.04
CA VAL D 277 -25.16 -21.24 -11.17
C VAL D 277 -26.35 -20.55 -11.82
N ASP D 278 -26.36 -19.22 -11.72
CA ASP D 278 -27.47 -18.42 -12.22
C ASP D 278 -27.32 -18.06 -13.69
N VAL D 279 -26.10 -17.98 -14.21
CA VAL D 279 -25.83 -17.55 -15.57
C VAL D 279 -25.40 -18.76 -16.39
N ALA D 280 -26.10 -19.01 -17.49
CA ALA D 280 -25.77 -20.13 -18.35
C ALA D 280 -24.45 -19.88 -19.07
N GLY D 281 -23.80 -20.98 -19.45
CA GLY D 281 -22.57 -20.91 -20.23
C GLY D 281 -22.83 -20.87 -21.71
N GLN D 282 -21.75 -21.01 -22.47
CA GLN D 282 -21.90 -21.03 -23.92
C GLN D 282 -21.97 -22.47 -24.43
N PRO D 283 -22.77 -22.73 -25.46
CA PRO D 283 -22.80 -24.07 -26.04
C PRO D 283 -21.47 -24.42 -26.69
N GLN D 284 -21.15 -25.71 -26.66
CA GLN D 284 -19.90 -26.18 -27.25
C GLN D 284 -19.98 -26.13 -28.77
N HIS D 285 -18.93 -25.62 -29.39
CA HIS D 285 -18.83 -25.57 -30.84
C HIS D 285 -18.00 -26.75 -31.35
N GLU D 286 -18.17 -27.06 -32.62
CA GLU D 286 -17.52 -28.20 -33.24
C GLU D 286 -16.49 -27.75 -34.27
N VAL D 287 -15.38 -28.48 -34.35
CA VAL D 287 -14.27 -28.12 -35.24
C VAL D 287 -14.63 -28.49 -36.68
N ARG D 288 -14.49 -27.52 -37.58
CA ARG D 288 -14.58 -27.78 -39.01
C ARG D 288 -13.23 -28.28 -39.51
N LEU D 289 -13.18 -29.53 -39.97
CA LEU D 289 -11.94 -30.12 -40.43
C LEU D 289 -11.83 -30.20 -41.95
N VAL D 290 -12.90 -29.94 -42.68
CA VAL D 290 -12.86 -29.95 -44.14
C VAL D 290 -13.69 -28.79 -44.68
O1 XYP E . 8.01 15.20 -24.40
C1 XYP E . 6.99 15.35 -25.38
C2 XYP E . 6.28 16.68 -25.17
C3 XYP E . 5.17 16.82 -26.22
C4 XYP E . 5.82 16.71 -27.60
C5 XYP E . 6.53 15.34 -27.66
O2 XYP E . 5.72 16.72 -23.85
O3 XYP E . 4.52 18.09 -26.09
O4 XYP E . 4.84 16.79 -28.63
O5 XYP E . 7.57 15.31 -26.69
C1 XYS F . 5.87 8.35 -1.91
C2 XYS F . 7.11 7.47 -2.15
C3 XYS F . 8.37 8.22 -1.72
C4 XYS F . 8.39 9.58 -2.42
C5 XYS F . 7.09 10.32 -2.08
O1 XYS F . 5.71 8.57 -0.50
O2 XYS F . 6.98 6.27 -1.40
O3 XYS F . 9.53 7.46 -2.10
O4 XYS F . 9.52 10.33 -1.97
O5 XYS F . 5.99 9.59 -2.60
O1 XYP G . -11.32 0.05 -24.30
C1 XYP G . -11.33 -0.84 -25.42
C2 XYP G . -9.90 -1.25 -25.76
C3 XYP G . -9.94 -2.15 -27.01
C4 XYP G . -10.86 -3.33 -26.69
C5 XYP G . -12.22 -2.79 -26.27
O2 XYP G . -9.12 -0.07 -26.02
O3 XYP G . -8.62 -2.61 -27.32
O4 XYP G . -11.02 -4.14 -27.86
O5 XYP G . -12.08 -2.01 -25.09
FE FE2 H . 9.18 13.69 -23.83
O1 XYP I . 12.72 21.52 19.81
C1 XYP I . 13.81 20.95 19.10
C2 XYP I . 14.92 20.55 20.08
C3 XYP I . 16.12 20.03 19.28
C4 XYP I . 15.64 18.88 18.39
C5 XYP I . 14.44 19.34 17.55
O2 XYP I . 15.29 21.68 20.86
O3 XYP I . 17.13 19.56 20.18
O4 XYP I . 16.71 18.49 17.51
O5 XYP I . 13.38 19.79 18.39
FE FE2 J . 11.32 22.74 19.18
O1 XYP K . -16.94 -10.26 21.81
C1 XYP K . -18.00 -9.44 22.32
C2 XYP K . -19.32 -9.79 21.64
C3 XYP K . -20.37 -8.79 22.15
C4 XYP K . -20.44 -8.89 23.68
C5 XYP K . -19.04 -8.71 24.26
O2 XYP K . -19.18 -9.70 20.23
O3 XYP K . -21.65 -9.10 21.58
O4 XYP K . -21.31 -7.89 24.20
O5 XYP K . -18.13 -9.68 23.73
C1 XYS L . -4.12 -9.15 1.93
C2 XYS L . -2.90 -9.52 2.77
C3 XYS L . -2.66 -11.03 2.69
C4 XYS L . -3.95 -11.74 3.11
C5 XYS L . -5.08 -11.25 2.20
O1 XYS L . -3.88 -9.48 0.56
O2 XYS L . -1.74 -8.84 2.25
O3 XYS L . -1.58 -11.41 3.55
O4 XYS L . -3.80 -13.16 2.98
O5 XYS L . -5.28 -9.85 2.40
O1 XYP M . -14.47 16.38 17.80
C1 XYP M . -14.24 15.74 19.05
C2 XYP M . -13.99 14.25 18.83
C3 XYP M . -13.78 13.58 20.19
C4 XYP M . -12.67 14.31 20.94
C5 XYP M . -13.00 15.79 21.00
O2 XYP M . -15.11 13.65 18.17
O3 XYP M . -13.43 12.21 19.99
O4 XYP M . -12.55 13.79 22.27
O5 XYP M . -13.10 16.33 19.68
FE FE2 N . -14.96 -10.56 22.18
S SO4 O . -24.19 -38.57 -7.82
O1 SO4 O . -23.87 -39.60 -6.84
O2 SO4 O . -23.33 -37.41 -7.58
O3 SO4 O . -23.96 -39.08 -9.17
O4 SO4 O . -25.59 -38.17 -7.67
O1 XYP P . -3.09 -27.10 -17.62
C1 XYP P . -2.36 -27.49 -16.46
C2 XYP P . -1.12 -28.29 -16.88
C3 XYP P . -0.47 -28.81 -15.60
C4 XYP P . -0.10 -27.59 -14.74
C5 XYP P . -1.36 -26.76 -14.49
O2 XYP P . -1.50 -29.38 -17.73
O3 XYP P . 0.69 -29.57 -15.92
O4 XYP P . 0.44 -28.03 -13.49
O5 XYP P . -1.94 -26.34 -15.72
FE FE2 Q . -4.98 -26.36 -17.80
#